data_4QIS
#
_entry.id   4QIS
#
_cell.length_a   69.895
_cell.length_b   54.834
_cell.length_c   88.202
_cell.angle_alpha   90.00
_cell.angle_beta   95.79
_cell.angle_gamma   90.00
#
_symmetry.space_group_name_H-M   'P 1 21 1'
#
loop_
_entity.id
_entity.type
_entity.pdbx_description
1 polymer 'Nitronate monooxygenase family protein'
2 non-polymer 'FLAVIN MONONUCLEOTIDE'
3 water water
#
_entity_poly.entity_id   1
_entity_poly.type   'polypeptide(L)'
_entity_poly.pdbx_seq_one_letter_code
;HHHHHHTDRFTRLLGIQQPIIQAPMLGVSTPALAAAVSNAGGLGSIAITGSAAEKGRALIREVRGLTDKPFNVNLFCHRP
GQADPARERAWLDYLKPLFAEFGAEPPVRLKNIYLSFLEDPTLLPMLLEERPAAVSFHFGAPPRDQVRALQAVGIRVLVC
ATTPEEAALVEAAGADAVVAQGIEAGGHRGVFEPERGDAAIGTLALVRLLAARGSLPVVAAGGIMDGRGIRAALELGASA
VQMGTAFVLCPESSANAAYREALKGPRAARTALTVTMSGRSARGLPNRMFFDAAAPGVPPLPDYPFVYDATKALQTAALA
RGNHDFAAQWAGQGAALARELPAAELLRTLVEELRG
;
_entity_poly.pdbx_strand_id   A,B
#
# COMPACT_ATOMS: atom_id res chain seq x y z
N ARG A 9 -28.39 -4.16 -2.44
CA ARG A 9 -27.48 -3.02 -2.52
C ARG A 9 -26.89 -2.89 -3.93
N PHE A 10 -25.58 -3.07 -4.03
CA PHE A 10 -24.90 -3.22 -5.32
C PHE A 10 -25.43 -4.50 -5.95
N THR A 11 -25.72 -5.49 -5.11
CA THR A 11 -26.21 -6.77 -5.58
C THR A 11 -27.54 -6.63 -6.30
N ARG A 12 -28.33 -5.62 -5.94
CA ARG A 12 -29.53 -5.29 -6.71
C ARG A 12 -29.19 -4.49 -7.98
N LEU A 13 -28.21 -3.60 -7.88
CA LEU A 13 -27.78 -2.77 -9.01
C LEU A 13 -27.42 -3.63 -10.22
N LEU A 14 -26.76 -4.75 -9.95
CA LEU A 14 -26.51 -5.74 -10.99
C LEU A 14 -27.47 -6.88 -10.71
N GLY A 15 -27.61 -7.82 -11.63
CA GLY A 15 -28.68 -8.79 -11.44
C GLY A 15 -28.35 -9.92 -10.47
N ILE A 16 -27.46 -9.68 -9.51
CA ILE A 16 -26.79 -10.80 -8.84
C ILE A 16 -27.12 -11.05 -7.37
N GLN A 17 -26.81 -12.25 -6.90
CA GLN A 17 -27.13 -12.65 -5.53
C GLN A 17 -25.99 -12.42 -4.53
N GLN A 18 -24.75 -12.39 -5.02
CA GLN A 18 -23.57 -12.23 -4.16
C GLN A 18 -22.76 -10.98 -4.53
N PRO A 19 -22.20 -10.28 -3.53
CA PRO A 19 -21.45 -9.05 -3.81
C PRO A 19 -19.98 -9.33 -4.07
N ILE A 20 -19.69 -10.28 -4.94
CA ILE A 20 -18.31 -10.65 -5.25
C ILE A 20 -18.14 -10.69 -6.76
N ILE A 21 -17.18 -9.91 -7.27
CA ILE A 21 -16.85 -9.90 -8.69
C ILE A 21 -15.55 -10.64 -8.90
N GLN A 22 -15.54 -11.62 -9.81
CA GLN A 22 -14.26 -12.23 -10.17
C GLN A 22 -13.63 -11.31 -11.18
N ALA A 23 -12.48 -10.74 -10.81
CA ALA A 23 -11.80 -9.73 -11.64
C ALA A 23 -11.52 -10.18 -13.05
N PRO A 24 -11.77 -9.29 -14.01
CA PRO A 24 -11.41 -9.61 -15.38
C PRO A 24 -9.88 -9.53 -15.45
N MET A 25 -9.26 -10.51 -16.08
CA MET A 25 -7.82 -10.69 -16.02
C MET A 25 -7.31 -11.13 -17.39
N LEU A 26 -6.84 -10.17 -18.20
CA LEU A 26 -6.42 -10.48 -19.58
C LEU A 26 -5.43 -11.65 -19.62
N GLY A 27 -5.80 -12.73 -20.31
CA GLY A 27 -4.96 -13.92 -20.38
C GLY A 27 -5.13 -14.91 -19.23
N VAL A 28 -5.98 -14.57 -18.28
CA VAL A 28 -6.20 -15.44 -17.13
C VAL A 28 -7.69 -15.76 -17.00
N SER A 29 -8.54 -14.74 -17.11
CA SER A 29 -9.98 -15.00 -17.06
C SER A 29 -10.41 -15.66 -18.35
N THR A 30 -11.45 -16.48 -18.27
CA THR A 30 -11.97 -17.19 -19.44
C THR A 30 -13.50 -17.10 -19.37
N PRO A 31 -14.18 -17.29 -20.51
CA PRO A 31 -15.64 -17.47 -20.46
C PRO A 31 -16.05 -18.54 -19.46
N ALA A 32 -15.30 -19.64 -19.38
CA ALA A 32 -15.60 -20.71 -18.43
C ALA A 32 -15.52 -20.24 -16.98
N LEU A 33 -14.51 -19.46 -16.65
CA LEU A 33 -14.38 -18.93 -15.30
C LEU A 33 -15.50 -17.94 -15.03
N ALA A 34 -15.72 -17.01 -15.96
CA ALA A 34 -16.77 -16.00 -15.80
C ALA A 34 -18.14 -16.67 -15.56
N ALA A 35 -18.46 -17.65 -16.41
CA ALA A 35 -19.71 -18.37 -16.29
C ALA A 35 -19.85 -19.07 -14.94
N ALA A 36 -18.77 -19.67 -14.45
CA ALA A 36 -18.80 -20.41 -13.19
C ALA A 36 -19.12 -19.48 -12.02
N VAL A 37 -18.53 -18.29 -12.02
CA VAL A 37 -18.81 -17.30 -10.99
C VAL A 37 -20.22 -16.75 -11.12
N SER A 38 -20.63 -16.38 -12.34
CA SER A 38 -21.99 -15.89 -12.57
C SER A 38 -23.09 -16.93 -12.23
N ASN A 39 -22.91 -18.17 -12.66
CA ASN A 39 -23.85 -19.24 -12.33
C ASN A 39 -23.89 -19.50 -10.82
N ALA A 40 -22.77 -19.26 -10.13
CA ALA A 40 -22.72 -19.45 -8.68
C ALA A 40 -23.29 -18.28 -7.86
N GLY A 41 -23.64 -17.19 -8.53
CA GLY A 41 -24.32 -16.10 -7.85
C GLY A 41 -23.56 -14.78 -7.77
N GLY A 42 -22.35 -14.76 -8.31
CA GLY A 42 -21.53 -13.55 -8.27
C GLY A 42 -21.46 -12.92 -9.64
N LEU A 43 -20.51 -12.03 -9.84
CA LEU A 43 -20.34 -11.41 -11.14
C LEU A 43 -19.04 -11.88 -11.80
N GLY A 44 -19.18 -12.75 -12.79
CA GLY A 44 -18.02 -13.24 -13.50
C GLY A 44 -17.65 -12.20 -14.53
N SER A 45 -16.38 -12.18 -14.91
CA SER A 45 -15.87 -11.15 -15.83
C SER A 45 -14.88 -11.70 -16.82
N ILE A 46 -14.87 -11.12 -18.03
CA ILE A 46 -13.81 -11.35 -19.01
C ILE A 46 -13.21 -10.03 -19.48
N ALA A 47 -12.01 -10.11 -20.04
CA ALA A 47 -11.32 -8.96 -20.60
C ALA A 47 -11.26 -9.12 -22.10
N ILE A 48 -11.57 -8.03 -22.80
CA ILE A 48 -11.80 -8.05 -24.24
C ILE A 48 -10.76 -7.22 -25.03
N THR A 49 -9.98 -6.41 -24.32
CA THR A 49 -8.98 -5.58 -24.99
C THR A 49 -7.90 -6.41 -25.70
N GLY A 50 -7.41 -5.89 -26.84
CA GLY A 50 -6.43 -6.60 -27.64
C GLY A 50 -7.05 -7.56 -28.64
N SER A 51 -8.38 -7.52 -28.75
CA SER A 51 -9.16 -8.30 -29.70
C SER A 51 -9.96 -7.31 -30.55
N ALA A 52 -10.12 -7.60 -31.83
CA ALA A 52 -11.00 -6.77 -32.64
C ALA A 52 -12.39 -6.94 -32.09
N ALA A 53 -13.27 -5.99 -32.38
CA ALA A 53 -14.61 -6.00 -31.80
C ALA A 53 -15.41 -7.27 -32.10
N GLU A 54 -15.28 -7.82 -33.31
CA GLU A 54 -16.05 -9.03 -33.64
C GLU A 54 -15.49 -10.25 -32.91
N LYS A 55 -14.21 -10.19 -32.54
CA LYS A 55 -13.64 -11.25 -31.72
C LYS A 55 -14.08 -11.13 -30.27
N GLY A 56 -14.19 -9.89 -29.77
CA GLY A 56 -14.67 -9.68 -28.42
C GLY A 56 -16.12 -10.10 -28.33
N ARG A 57 -16.87 -9.85 -29.38
CA ARG A 57 -18.27 -10.24 -29.44
C ARG A 57 -18.36 -11.76 -29.36
N ALA A 58 -17.46 -12.45 -30.05
CA ALA A 58 -17.43 -13.91 -30.02
C ALA A 58 -17.21 -14.41 -28.58
N LEU A 59 -16.26 -13.79 -27.88
CA LEU A 59 -16.00 -14.12 -26.47
C LEU A 59 -17.23 -13.91 -25.60
N ILE A 60 -17.91 -12.80 -25.81
CA ILE A 60 -19.11 -12.50 -25.04
C ILE A 60 -20.17 -13.56 -25.30
N ARG A 61 -20.33 -13.94 -26.57
CA ARG A 61 -21.25 -15.02 -26.92
C ARG A 61 -20.84 -16.34 -26.29
N GLU A 62 -19.54 -16.57 -26.14
CA GLU A 62 -19.06 -17.76 -25.45
C GLU A 62 -19.56 -17.80 -24.01
N VAL A 63 -19.51 -16.66 -23.32
CA VAL A 63 -19.96 -16.60 -21.94
C VAL A 63 -21.46 -16.83 -21.88
N ARG A 64 -22.20 -16.22 -22.80
CA ARG A 64 -23.64 -16.44 -22.86
C ARG A 64 -24.02 -17.89 -23.15
N GLY A 65 -23.10 -18.63 -23.77
CA GLY A 65 -23.30 -20.03 -24.04
C GLY A 65 -23.25 -20.87 -22.78
N LEU A 66 -22.67 -20.31 -21.72
CA LEU A 66 -22.44 -21.05 -20.48
C LEU A 66 -23.22 -20.52 -19.26
N THR A 67 -23.79 -19.32 -19.40
CA THR A 67 -24.56 -18.72 -18.31
C THR A 67 -25.63 -17.72 -18.78
N ASP A 68 -26.82 -17.80 -18.17
CA ASP A 68 -27.91 -16.86 -18.43
C ASP A 68 -27.85 -15.69 -17.46
N LYS A 69 -26.97 -15.79 -16.46
CA LYS A 69 -26.85 -14.81 -15.40
C LYS A 69 -25.92 -13.65 -15.80
N PRO A 70 -25.92 -12.55 -15.03
CA PRO A 70 -25.13 -11.38 -15.44
C PRO A 70 -23.61 -11.58 -15.41
N PHE A 71 -22.91 -10.91 -16.31
CA PHE A 71 -21.45 -10.91 -16.29
C PHE A 71 -20.88 -9.57 -16.65
N ASN A 72 -19.57 -9.47 -16.50
CA ASN A 72 -18.83 -8.22 -16.69
C ASN A 72 -17.82 -8.31 -17.85
N VAL A 73 -17.84 -7.29 -18.70
CA VAL A 73 -16.90 -7.22 -19.83
C VAL A 73 -15.98 -6.01 -19.69
N ASN A 74 -14.67 -6.28 -19.64
CA ASN A 74 -13.69 -5.26 -19.29
C ASN A 74 -12.90 -4.72 -20.46
N LEU A 75 -12.74 -3.40 -20.48
CA LEU A 75 -12.02 -2.76 -21.56
C LEU A 75 -11.04 -1.72 -21.04
N PHE A 76 -9.86 -1.71 -21.65
CA PHE A 76 -8.85 -0.75 -21.31
C PHE A 76 -9.22 0.60 -21.92
N CYS A 77 -9.08 1.66 -21.12
CA CYS A 77 -9.39 3.03 -21.52
C CYS A 77 -8.20 3.98 -21.23
N HIS A 78 -7.00 3.50 -21.53
CA HIS A 78 -5.78 4.23 -21.29
C HIS A 78 -5.55 5.29 -22.35
N ARG A 79 -4.71 6.28 -22.05
CA ARG A 79 -4.24 7.22 -23.05
C ARG A 79 -3.55 6.40 -24.14
N PRO A 80 -4.06 6.50 -25.39
CA PRO A 80 -3.54 5.68 -26.49
C PRO A 80 -2.03 5.80 -26.57
N GLY A 81 -1.35 4.68 -26.77
CA GLY A 81 0.09 4.67 -26.86
C GLY A 81 0.56 5.49 -28.04
N GLN A 82 1.73 6.07 -27.89
CA GLN A 82 2.28 6.86 -28.98
C GLN A 82 3.62 6.27 -29.43
N ALA A 83 3.70 5.97 -30.72
CA ALA A 83 4.87 5.33 -31.30
C ALA A 83 6.07 6.27 -31.34
N ASP A 84 7.22 5.75 -30.89
CA ASP A 84 8.50 6.43 -30.97
C ASP A 84 9.51 5.41 -31.47
N PRO A 85 9.73 5.36 -32.79
CA PRO A 85 10.62 4.39 -33.45
C PRO A 85 12.03 4.41 -32.87
N ALA A 86 12.56 5.59 -32.59
CA ALA A 86 13.90 5.70 -32.02
C ALA A 86 13.97 4.99 -30.65
N ARG A 87 13.04 5.33 -29.77
CA ARG A 87 13.04 4.80 -28.41
C ARG A 87 12.76 3.31 -28.45
N GLU A 88 11.84 2.89 -29.31
CA GLU A 88 11.51 1.47 -29.43
C GLU A 88 12.68 0.65 -29.99
N ARG A 89 13.37 1.20 -30.99
CA ARG A 89 14.52 0.54 -31.58
C ARG A 89 15.64 0.38 -30.54
N ALA A 90 15.83 1.39 -29.69
CA ALA A 90 16.81 1.27 -28.60
C ALA A 90 16.34 0.29 -27.53
N TRP A 91 15.04 0.24 -27.26
CA TRP A 91 14.55 -0.75 -26.29
C TRP A 91 14.86 -2.17 -26.77
N LEU A 92 14.45 -2.50 -28.00
CA LEU A 92 14.70 -3.84 -28.55
C LEU A 92 16.19 -4.18 -28.60
N ASP A 93 17.03 -3.17 -28.86
CA ASP A 93 18.48 -3.36 -28.87
C ASP A 93 18.99 -3.74 -27.48
N TYR A 94 18.43 -3.12 -26.45
CA TYR A 94 18.75 -3.46 -25.06
C TYR A 94 18.32 -4.89 -24.68
N LEU A 95 17.17 -5.35 -25.22
CA LEU A 95 16.67 -6.70 -24.95
C LEU A 95 17.35 -7.76 -25.79
N LYS A 96 18.01 -7.32 -26.86
CA LYS A 96 18.67 -8.23 -27.81
C LYS A 96 19.42 -9.43 -27.19
N PRO A 97 20.20 -9.21 -26.12
CA PRO A 97 20.88 -10.39 -25.55
C PRO A 97 19.94 -11.41 -24.89
N LEU A 98 18.74 -11.00 -24.50
CA LEU A 98 17.80 -11.95 -23.90
C LEU A 98 17.21 -12.83 -25.00
N PHE A 99 16.78 -12.18 -26.07
CA PHE A 99 16.29 -12.88 -27.25
C PHE A 99 17.34 -13.88 -27.74
N ALA A 100 18.57 -13.40 -27.89
CA ALA A 100 19.67 -14.23 -28.40
C ALA A 100 19.88 -15.49 -27.58
N GLU A 101 19.63 -15.38 -26.27
CA GLU A 101 19.79 -16.49 -25.32
C GLU A 101 18.89 -17.68 -25.65
N PHE A 102 17.77 -17.40 -26.32
CA PHE A 102 16.86 -18.47 -26.70
C PHE A 102 16.75 -18.53 -28.22
N GLY A 103 17.85 -18.17 -28.88
CA GLY A 103 17.98 -18.31 -30.32
C GLY A 103 17.00 -17.50 -31.12
N ALA A 104 16.67 -16.30 -30.63
CA ALA A 104 15.77 -15.42 -31.38
C ALA A 104 16.40 -14.06 -31.63
N GLU A 105 15.67 -13.22 -32.32
CA GLU A 105 16.04 -11.82 -32.43
C GLU A 105 14.78 -10.97 -32.31
N PRO A 106 14.91 -9.78 -31.70
CA PRO A 106 13.75 -8.91 -31.50
C PRO A 106 12.98 -8.69 -32.79
N PRO A 107 11.64 -8.54 -32.68
CA PRO A 107 10.78 -8.16 -33.80
C PRO A 107 11.23 -6.84 -34.46
N VAL A 108 10.84 -6.67 -35.72
CA VAL A 108 11.22 -5.49 -36.49
C VAL A 108 10.68 -4.22 -35.84
N ARG A 109 9.37 -4.17 -35.68
CA ARG A 109 8.72 -3.02 -35.12
C ARG A 109 7.87 -3.50 -33.96
N LEU A 110 7.48 -2.59 -33.09
CA LEU A 110 6.57 -2.92 -32.00
C LEU A 110 5.17 -2.42 -32.33
N LYS A 111 4.16 -3.06 -31.78
CA LYS A 111 2.79 -2.72 -32.14
C LYS A 111 1.92 -2.26 -30.99
N ASN A 112 0.91 -1.45 -31.31
CA ASN A 112 -0.09 -1.04 -30.35
C ASN A 112 -1.06 -2.19 -30.25
N ILE A 113 -0.66 -3.21 -29.48
CA ILE A 113 -1.39 -4.48 -29.42
C ILE A 113 -2.64 -4.41 -28.56
N TYR A 114 -2.77 -3.33 -27.79
CA TYR A 114 -3.96 -3.15 -26.96
C TYR A 114 -4.54 -1.78 -27.25
N LEU A 115 -5.62 -1.75 -28.03
CA LEU A 115 -6.25 -0.48 -28.35
C LEU A 115 -7.13 0.00 -27.22
N SER A 116 -6.95 1.26 -26.83
CA SER A 116 -7.78 1.82 -25.78
C SER A 116 -9.19 2.02 -26.29
N PHE A 117 -10.15 2.04 -25.37
CA PHE A 117 -11.53 2.32 -25.70
C PHE A 117 -11.67 3.71 -26.37
N LEU A 118 -10.68 4.57 -26.15
CA LEU A 118 -10.70 5.94 -26.67
C LEU A 118 -10.35 6.03 -28.15
N GLU A 119 -9.60 5.05 -28.67
CA GLU A 119 -9.09 5.10 -30.04
C GLU A 119 -9.71 4.06 -30.98
N ASP A 120 -10.54 3.17 -30.43
CA ASP A 120 -11.26 2.21 -31.28
C ASP A 120 -12.77 2.41 -31.19
N PRO A 121 -13.35 3.08 -32.20
CA PRO A 121 -14.77 3.49 -32.20
C PRO A 121 -15.73 2.31 -32.43
N THR A 122 -15.19 1.15 -32.80
CA THR A 122 -16.04 0.02 -33.13
C THR A 122 -16.43 -0.83 -31.90
N LEU A 123 -15.86 -0.51 -30.75
CA LEU A 123 -16.13 -1.26 -29.53
C LEU A 123 -17.48 -0.90 -28.91
N LEU A 124 -17.75 0.40 -28.80
CA LEU A 124 -19.00 0.86 -28.22
C LEU A 124 -20.29 0.33 -28.90
N PRO A 125 -20.38 0.42 -30.26
CA PRO A 125 -21.61 -0.09 -30.88
C PRO A 125 -21.76 -1.62 -30.77
N MET A 126 -20.64 -2.35 -30.69
CA MET A 126 -20.67 -3.79 -30.45
C MET A 126 -21.23 -4.08 -29.07
N LEU A 127 -20.81 -3.27 -28.10
CA LEU A 127 -21.26 -3.44 -26.73
C LEU A 127 -22.73 -3.11 -26.61
N LEU A 128 -23.17 -2.14 -27.41
CA LEU A 128 -24.57 -1.75 -27.41
C LEU A 128 -25.48 -2.89 -27.86
N GLU A 129 -25.06 -3.62 -28.89
CA GLU A 129 -25.81 -4.78 -29.38
C GLU A 129 -25.79 -5.91 -28.36
N GLU A 130 -24.58 -6.27 -27.91
CA GLU A 130 -24.37 -7.43 -27.06
C GLU A 130 -24.86 -7.21 -25.64
N ARG A 131 -24.73 -5.97 -25.18
CA ARG A 131 -25.40 -5.55 -23.97
C ARG A 131 -25.11 -6.43 -22.75
N PRO A 132 -23.80 -6.67 -22.43
CA PRO A 132 -23.61 -7.42 -21.18
C PRO A 132 -24.07 -6.60 -19.99
N ALA A 133 -24.50 -7.27 -18.94
CA ALA A 133 -25.02 -6.65 -17.74
C ALA A 133 -24.08 -5.55 -17.24
N ALA A 134 -22.78 -5.78 -17.40
CA ALA A 134 -21.80 -4.82 -16.91
C ALA A 134 -20.64 -4.62 -17.86
N VAL A 135 -20.28 -3.35 -18.06
CA VAL A 135 -19.09 -3.01 -18.81
C VAL A 135 -18.19 -2.20 -17.88
N SER A 136 -16.97 -2.68 -17.71
CA SER A 136 -15.98 -2.06 -16.82
C SER A 136 -14.80 -1.49 -17.59
N PHE A 137 -14.22 -0.44 -17.04
CA PHE A 137 -13.10 0.22 -17.70
C PHE A 137 -11.88 0.35 -16.78
N HIS A 138 -10.70 0.11 -17.36
CA HIS A 138 -9.44 0.17 -16.63
C HIS A 138 -8.50 1.19 -17.27
N PHE A 139 -7.76 1.90 -16.41
CA PHE A 139 -6.76 2.93 -16.77
C PHE A 139 -7.34 4.34 -16.95
N GLY A 140 -8.66 4.44 -17.11
CA GLY A 140 -9.30 5.72 -17.30
C GLY A 140 -10.81 5.63 -17.46
N ALA A 141 -11.47 6.78 -17.51
CA ALA A 141 -12.92 6.82 -17.71
C ALA A 141 -13.25 7.31 -19.11
N PRO A 142 -14.19 6.63 -19.79
CA PRO A 142 -14.64 7.17 -21.07
C PRO A 142 -15.53 8.41 -20.82
N PRO A 143 -15.78 9.20 -21.88
CA PRO A 143 -16.74 10.32 -21.89
C PRO A 143 -18.11 9.95 -21.29
N ARG A 144 -18.70 10.84 -20.49
CA ARG A 144 -19.99 10.55 -19.82
C ARG A 144 -21.04 10.22 -20.88
N ASP A 145 -20.92 10.93 -21.99
CA ASP A 145 -21.55 10.63 -23.27
C ASP A 145 -21.85 9.15 -23.44
N GLN A 146 -20.78 8.37 -23.47
CA GLN A 146 -20.83 6.97 -23.86
C GLN A 146 -21.30 6.07 -22.72
N VAL A 147 -21.01 6.48 -21.50
CA VAL A 147 -21.48 5.77 -20.31
C VAL A 147 -23.01 5.78 -20.28
N ARG A 148 -23.59 6.95 -20.53
CA ARG A 148 -25.03 7.09 -20.68
C ARG A 148 -25.53 6.21 -21.83
N ALA A 149 -24.77 6.17 -22.93
CA ALA A 149 -25.13 5.35 -24.08
C ALA A 149 -25.27 3.87 -23.72
N LEU A 150 -24.35 3.39 -22.88
CA LEU A 150 -24.42 2.01 -22.39
C LEU A 150 -25.53 1.87 -21.35
N GLN A 151 -25.74 2.91 -20.54
CA GLN A 151 -26.71 2.86 -19.45
C GLN A 151 -28.13 2.94 -19.99
N ALA A 152 -28.24 3.49 -21.20
CA ALA A 152 -29.51 3.54 -21.91
C ALA A 152 -30.05 2.13 -22.18
N VAL A 153 -29.16 1.20 -22.54
CA VAL A 153 -29.56 -0.21 -22.59
C VAL A 153 -29.37 -0.76 -21.17
N GLY A 154 -29.35 -2.08 -21.00
CA GLY A 154 -29.35 -2.62 -19.65
C GLY A 154 -28.12 -2.34 -18.78
N ILE A 155 -27.10 -1.73 -19.38
CA ILE A 155 -25.74 -1.84 -18.84
C ILE A 155 -25.39 -0.99 -17.60
N ARG A 156 -24.80 -1.64 -16.60
CA ARG A 156 -24.18 -0.95 -15.50
C ARG A 156 -22.71 -0.74 -15.85
N VAL A 157 -22.23 0.49 -15.63
CA VAL A 157 -20.88 0.87 -16.03
C VAL A 157 -19.99 1.04 -14.80
N LEU A 158 -18.86 0.33 -14.80
CA LEU A 158 -17.93 0.38 -13.68
C LEU A 158 -16.59 0.94 -14.17
N VAL A 159 -15.94 1.76 -13.36
CA VAL A 159 -14.60 2.23 -13.70
C VAL A 159 -13.68 2.13 -12.49
N CYS A 160 -12.48 1.64 -12.73
CA CYS A 160 -11.51 1.50 -11.66
C CYS A 160 -10.83 2.84 -11.39
N ALA A 161 -10.65 3.19 -10.12
CA ALA A 161 -9.81 4.33 -9.73
C ALA A 161 -8.85 3.92 -8.60
N THR A 162 -7.66 4.52 -8.57
CA THR A 162 -6.65 4.25 -7.54
C THR A 162 -6.52 5.36 -6.49
N THR A 163 -7.20 6.48 -6.72
CA THR A 163 -7.16 7.61 -5.77
C THR A 163 -8.53 8.28 -5.71
N PRO A 164 -8.79 9.05 -4.63
CA PRO A 164 -10.04 9.83 -4.55
C PRO A 164 -10.14 10.81 -5.71
N GLU A 165 -9.00 11.26 -6.22
CA GLU A 165 -9.01 12.21 -7.33
C GLU A 165 -9.52 11.52 -8.57
N GLU A 166 -9.09 10.28 -8.77
CA GLU A 166 -9.56 9.51 -9.92
C GLU A 166 -11.01 9.11 -9.72
N ALA A 167 -11.38 8.81 -8.48
CA ALA A 167 -12.75 8.45 -8.15
C ALA A 167 -13.74 9.58 -8.48
N ALA A 168 -13.31 10.83 -8.28
CA ALA A 168 -14.11 12.00 -8.66
C ALA A 168 -14.34 12.07 -10.17
N LEU A 169 -13.31 11.73 -10.94
CA LEU A 169 -13.42 11.67 -12.39
C LEU A 169 -14.34 10.53 -12.84
N VAL A 170 -14.37 9.46 -12.04
CA VAL A 170 -15.33 8.37 -12.28
C VAL A 170 -16.75 8.85 -12.03
N GLU A 171 -16.94 9.56 -10.92
CA GLU A 171 -18.24 10.09 -10.53
C GLU A 171 -18.75 11.04 -11.60
N ALA A 172 -17.87 11.91 -12.09
CA ALA A 172 -18.19 12.85 -13.14
C ALA A 172 -18.73 12.20 -14.40
N ALA A 173 -18.27 10.98 -14.69
CA ALA A 173 -18.61 10.33 -15.96
C ALA A 173 -19.89 9.53 -15.86
N GLY A 174 -20.49 9.56 -14.67
CA GLY A 174 -21.79 8.98 -14.46
C GLY A 174 -21.81 7.48 -14.27
N ALA A 175 -20.69 6.91 -13.84
CA ALA A 175 -20.60 5.46 -13.69
C ALA A 175 -21.55 5.00 -12.61
N ASP A 176 -22.04 3.78 -12.74
CA ASP A 176 -22.88 3.22 -11.70
C ASP A 176 -22.03 2.83 -10.49
N ALA A 177 -20.74 2.57 -10.71
CA ALA A 177 -19.87 2.16 -9.61
C ALA A 177 -18.38 2.38 -9.88
N VAL A 178 -17.61 2.58 -8.81
CA VAL A 178 -16.17 2.77 -8.89
C VAL A 178 -15.47 1.56 -8.28
N VAL A 179 -14.54 0.96 -9.01
CA VAL A 179 -13.74 -0.12 -8.45
C VAL A 179 -12.51 0.50 -7.80
N ALA A 180 -12.44 0.44 -6.48
CA ALA A 180 -11.31 1.02 -5.77
C ALA A 180 -10.17 0.01 -5.69
N GLN A 181 -9.12 0.24 -6.48
CA GLN A 181 -7.96 -0.64 -6.52
C GLN A 181 -6.82 -0.17 -5.60
N GLY A 182 -6.64 -0.86 -4.48
CA GLY A 182 -5.54 -0.57 -3.57
C GLY A 182 -4.19 -1.04 -4.09
N ILE A 183 -3.13 -0.65 -3.42
CA ILE A 183 -1.77 -1.05 -3.81
C ILE A 183 -1.57 -2.58 -3.79
N GLU A 184 -2.38 -3.27 -2.99
CA GLU A 184 -2.34 -4.73 -2.85
C GLU A 184 -2.62 -5.45 -4.14
N ALA A 185 -3.33 -4.80 -5.04
CA ALA A 185 -3.87 -5.53 -6.20
C ALA A 185 -2.81 -6.15 -7.12
N GLY A 186 -3.13 -7.32 -7.67
CA GLY A 186 -2.28 -7.94 -8.67
C GLY A 186 -2.52 -7.36 -10.06
N GLY A 187 -1.57 -7.54 -10.95
CA GLY A 187 -1.77 -7.11 -12.32
C GLY A 187 -1.60 -5.60 -12.46
N HIS A 188 -2.05 -5.08 -13.59
CA HIS A 188 -1.86 -3.69 -13.92
C HIS A 188 -2.57 -2.72 -12.95
N ARG A 189 -1.81 -1.73 -12.51
CA ARG A 189 -2.38 -0.65 -11.70
C ARG A 189 -3.26 0.26 -12.56
N GLY A 190 -4.45 0.58 -12.06
CA GLY A 190 -5.38 1.37 -12.83
C GLY A 190 -5.15 2.87 -12.76
N VAL A 191 -3.93 3.30 -12.44
CA VAL A 191 -3.62 4.74 -12.37
C VAL A 191 -3.85 5.44 -13.71
N PHE A 192 -4.64 6.50 -13.70
CA PHE A 192 -5.01 7.17 -14.95
C PHE A 192 -3.77 7.77 -15.59
N GLU A 193 -2.99 8.50 -14.80
CA GLU A 193 -1.84 9.23 -15.33
C GLU A 193 -0.54 9.00 -14.53
N PRO A 194 0.15 7.88 -14.82
CA PRO A 194 1.36 7.41 -14.15
C PRO A 194 2.57 8.34 -14.33
N GLU A 195 2.66 9.02 -15.47
CA GLU A 195 3.72 10.01 -15.66
C GLU A 195 3.60 11.21 -14.70
N ARG A 196 2.44 11.36 -14.06
CA ARG A 196 2.25 12.36 -13.00
C ARG A 196 2.61 11.78 -11.64
N GLY A 197 3.12 10.57 -11.63
CA GLY A 197 3.37 9.89 -10.37
C GLY A 197 2.27 8.90 -10.03
N ASP A 198 2.36 8.32 -8.83
CA ASP A 198 1.45 7.28 -8.41
C ASP A 198 1.42 7.27 -6.87
N ALA A 199 0.31 7.75 -6.33
CA ALA A 199 0.11 7.86 -4.88
C ALA A 199 0.20 6.52 -4.17
N ALA A 200 0.01 5.42 -4.91
CA ALA A 200 0.14 4.05 -4.38
C ALA A 200 -0.55 3.88 -3.03
N ILE A 201 -1.85 4.15 -3.00
CA ILE A 201 -2.66 4.00 -1.80
C ILE A 201 -3.11 2.55 -1.52
N GLY A 202 -3.02 2.13 -0.26
CA GLY A 202 -3.44 0.80 0.14
C GLY A 202 -4.96 0.67 0.15
N THR A 203 -5.45 -0.55 0.00
CA THR A 203 -6.89 -0.80 -0.06
C THR A 203 -7.63 -0.23 1.15
N LEU A 204 -7.07 -0.44 2.35
CA LEU A 204 -7.73 -0.01 3.55
C LEU A 204 -8.00 1.50 3.58
N ALA A 205 -7.02 2.32 3.22
CA ALA A 205 -7.22 3.77 3.13
C ALA A 205 -8.15 4.15 1.97
N LEU A 206 -7.87 3.63 0.78
CA LEU A 206 -8.59 4.00 -0.43
C LEU A 206 -10.09 3.72 -0.34
N VAL A 207 -10.48 2.53 0.12
CA VAL A 207 -11.91 2.22 0.22
C VAL A 207 -12.59 3.18 1.19
N ARG A 208 -11.96 3.41 2.34
CA ARG A 208 -12.55 4.26 3.36
C ARG A 208 -12.75 5.66 2.82
N LEU A 209 -11.74 6.17 2.12
CA LEU A 209 -11.81 7.49 1.54
C LEU A 209 -12.99 7.62 0.58
N LEU A 210 -13.10 6.69 -0.37
CA LEU A 210 -14.14 6.71 -1.39
C LEU A 210 -15.54 6.46 -0.83
N ALA A 211 -15.66 5.62 0.18
CA ALA A 211 -16.96 5.36 0.81
C ALA A 211 -17.38 6.50 1.74
N ALA A 212 -16.40 7.17 2.34
CA ALA A 212 -16.70 8.27 3.27
C ALA A 212 -17.07 9.57 2.57
N ARG A 213 -16.39 9.88 1.46
CA ARG A 213 -16.61 11.16 0.79
C ARG A 213 -17.04 10.99 -0.67
N GLY A 214 -17.55 9.82 -1.02
CA GLY A 214 -18.04 9.58 -2.36
C GLY A 214 -19.50 9.20 -2.34
N SER A 215 -20.11 9.20 -3.53
CA SER A 215 -21.53 8.91 -3.65
C SER A 215 -21.78 7.56 -4.32
N LEU A 216 -20.79 7.07 -5.07
CA LEU A 216 -20.95 5.84 -5.83
C LEU A 216 -20.77 4.60 -4.97
N PRO A 217 -21.48 3.51 -5.30
CA PRO A 217 -21.15 2.22 -4.70
C PRO A 217 -19.67 1.92 -4.97
N VAL A 218 -18.94 1.52 -3.94
CA VAL A 218 -17.53 1.24 -4.19
C VAL A 218 -17.22 -0.25 -4.06
N VAL A 219 -16.55 -0.76 -5.09
CA VAL A 219 -16.14 -2.16 -5.10
C VAL A 219 -14.66 -2.21 -4.72
N ALA A 220 -14.39 -2.84 -3.60
CA ALA A 220 -13.04 -2.92 -3.06
C ALA A 220 -12.25 -3.95 -3.89
N ALA A 221 -11.07 -3.55 -4.36
CA ALA A 221 -10.20 -4.46 -5.10
C ALA A 221 -8.75 -4.35 -4.63
N GLY A 222 -8.19 -5.47 -4.21
CA GLY A 222 -6.77 -5.53 -3.91
C GLY A 222 -6.53 -6.15 -2.56
N GLY A 223 -6.01 -7.38 -2.55
CA GLY A 223 -5.60 -8.04 -1.32
C GLY A 223 -6.61 -8.92 -0.61
N ILE A 224 -7.84 -8.96 -1.12
CA ILE A 224 -8.90 -9.74 -0.47
C ILE A 224 -8.85 -11.20 -0.94
N MET A 225 -8.76 -12.13 0.01
CA MET A 225 -8.51 -13.54 -0.34
C MET A 225 -9.48 -14.50 0.34
N ASP A 226 -10.28 -13.97 1.26
CA ASP A 226 -11.20 -14.80 2.03
C ASP A 226 -12.40 -13.99 2.52
N GLY A 227 -13.29 -14.63 3.27
CA GLY A 227 -14.49 -13.95 3.72
C GLY A 227 -14.20 -12.86 4.73
N ARG A 228 -13.16 -13.07 5.54
CA ARG A 228 -12.77 -12.05 6.52
C ARG A 228 -12.30 -10.80 5.81
N GLY A 229 -11.61 -10.99 4.68
CA GLY A 229 -11.19 -9.87 3.86
C GLY A 229 -12.37 -9.12 3.26
N ILE A 230 -13.42 -9.85 2.86
CA ILE A 230 -14.63 -9.23 2.33
C ILE A 230 -15.39 -8.43 3.41
N ARG A 231 -15.50 -9.01 4.60
CA ARG A 231 -16.17 -8.38 5.73
C ARG A 231 -15.45 -7.10 6.11
N ALA A 232 -14.12 -7.15 6.05
CA ALA A 232 -13.31 -5.99 6.36
C ALA A 232 -13.60 -4.84 5.40
N ALA A 233 -13.63 -5.16 4.10
CA ALA A 233 -13.93 -4.16 3.08
C ALA A 233 -15.31 -3.55 3.28
N LEU A 234 -16.25 -4.40 3.70
CA LEU A 234 -17.62 -3.95 3.95
C LEU A 234 -17.64 -3.05 5.18
N GLU A 235 -16.87 -3.40 6.19
CA GLU A 235 -16.76 -2.51 7.35
C GLU A 235 -16.22 -1.14 6.94
N LEU A 236 -15.40 -1.11 5.89
CA LEU A 236 -14.79 0.13 5.40
C LEU A 236 -15.75 0.96 4.54
N GLY A 237 -16.89 0.38 4.21
CA GLY A 237 -17.93 1.09 3.47
C GLY A 237 -18.11 0.62 2.04
N ALA A 238 -17.40 -0.43 1.66
CA ALA A 238 -17.54 -1.01 0.33
C ALA A 238 -18.94 -1.61 0.21
N SER A 239 -19.50 -1.56 -0.99
CA SER A 239 -20.78 -2.22 -1.27
C SER A 239 -20.55 -3.59 -1.89
N ALA A 240 -19.33 -3.81 -2.37
CA ALA A 240 -18.94 -5.11 -2.92
C ALA A 240 -17.42 -5.22 -3.03
N VAL A 241 -16.98 -6.22 -3.76
CA VAL A 241 -15.61 -6.71 -3.68
C VAL A 241 -15.24 -7.27 -5.07
N GLN A 242 -13.99 -7.05 -5.48
CA GLN A 242 -13.46 -7.61 -6.73
C GLN A 242 -12.16 -8.34 -6.39
N MET A 243 -12.07 -9.59 -6.83
CA MET A 243 -11.00 -10.49 -6.43
C MET A 243 -10.40 -11.18 -7.66
N GLY A 244 -9.11 -10.95 -7.90
CA GLY A 244 -8.44 -11.52 -9.06
C GLY A 244 -7.58 -12.71 -8.71
N THR A 245 -6.60 -12.47 -7.83
CA THR A 245 -5.64 -13.47 -7.38
C THR A 245 -6.32 -14.72 -6.80
N ALA A 246 -7.37 -14.52 -6.03
CA ALA A 246 -8.11 -15.64 -5.44
C ALA A 246 -8.63 -16.62 -6.50
N PHE A 247 -8.90 -16.14 -7.72
CA PHE A 247 -9.47 -17.01 -8.73
C PHE A 247 -8.46 -17.63 -9.69
N VAL A 248 -7.21 -17.20 -9.62
CA VAL A 248 -6.22 -17.63 -10.62
C VAL A 248 -6.01 -19.16 -10.61
N LEU A 249 -6.02 -19.76 -9.44
CA LEU A 249 -5.78 -21.20 -9.32
C LEU A 249 -6.98 -22.08 -9.67
N CYS A 250 -8.13 -21.45 -9.93
CA CYS A 250 -9.33 -22.17 -10.34
C CYS A 250 -9.01 -22.87 -11.64
N PRO A 251 -9.40 -24.13 -11.74
CA PRO A 251 -9.13 -24.85 -12.98
C PRO A 251 -9.76 -24.13 -14.18
N GLU A 252 -10.85 -23.37 -14.00
CA GLU A 252 -11.45 -22.66 -15.11
C GLU A 252 -10.59 -21.51 -15.65
N SER A 253 -9.60 -21.04 -14.88
CA SER A 253 -8.78 -19.91 -15.33
C SER A 253 -7.83 -20.32 -16.44
N SER A 254 -7.28 -19.32 -17.11
CA SER A 254 -6.37 -19.51 -18.22
C SER A 254 -4.91 -19.52 -17.77
N ALA A 255 -4.65 -19.68 -16.48
CA ALA A 255 -3.28 -19.71 -15.99
C ALA A 255 -2.58 -21.00 -16.42
N ASN A 256 -1.42 -20.88 -17.07
CA ASN A 256 -0.68 -22.09 -17.40
C ASN A 256 -0.09 -22.77 -16.17
N ALA A 257 0.51 -23.95 -16.39
CA ALA A 257 0.92 -24.79 -15.29
C ALA A 257 2.00 -24.12 -14.46
N ALA A 258 2.96 -23.49 -15.13
CA ALA A 258 4.09 -22.83 -14.47
C ALA A 258 3.58 -21.73 -13.53
N TYR A 259 2.59 -21.00 -14.02
CA TYR A 259 1.94 -19.91 -13.27
C TYR A 259 1.27 -20.51 -12.02
N ARG A 260 0.51 -21.57 -12.20
CA ARG A 260 -0.14 -22.21 -11.06
C ARG A 260 0.89 -22.71 -10.04
N GLU A 261 2.00 -23.29 -10.51
CA GLU A 261 2.99 -23.79 -9.56
C GLU A 261 3.66 -22.63 -8.83
N ALA A 262 3.97 -21.56 -9.57
CA ALA A 262 4.57 -20.37 -8.95
C ALA A 262 3.69 -19.79 -7.83
N LEU A 263 2.40 -19.62 -8.11
CA LEU A 263 1.49 -19.04 -7.11
C LEU A 263 1.25 -19.96 -5.92
N LYS A 264 1.32 -21.27 -6.13
CA LYS A 264 1.10 -22.23 -5.06
C LYS A 264 2.33 -22.32 -4.16
N GLY A 265 3.50 -22.04 -4.74
CA GLY A 265 4.77 -22.22 -4.04
C GLY A 265 5.29 -21.05 -3.24
N PRO A 266 6.55 -21.12 -2.81
CA PRO A 266 7.17 -20.13 -1.91
C PRO A 266 7.30 -18.73 -2.52
N ARG A 267 7.33 -18.63 -3.85
CA ARG A 267 7.41 -17.32 -4.50
C ARG A 267 6.20 -16.47 -4.19
N ALA A 268 5.07 -17.10 -3.91
CA ALA A 268 3.85 -16.37 -3.53
C ALA A 268 4.06 -15.46 -2.32
N ALA A 269 5.11 -15.70 -1.55
CA ALA A 269 5.37 -14.92 -0.33
C ALA A 269 5.70 -13.46 -0.60
N ARG A 270 6.17 -13.17 -1.81
CA ARG A 270 6.63 -11.82 -2.16
C ARG A 270 6.23 -11.41 -3.60
N THR A 271 5.52 -10.29 -3.70
CA THR A 271 5.20 -9.72 -5.00
C THR A 271 5.93 -8.40 -5.16
N ALA A 272 5.96 -7.88 -6.37
CA ALA A 272 6.53 -6.55 -6.59
C ALA A 272 5.92 -5.91 -7.84
N LEU A 273 6.17 -4.62 -8.00
CA LEU A 273 5.70 -3.87 -9.15
C LEU A 273 6.82 -3.84 -10.21
N THR A 274 6.43 -3.95 -11.48
CA THR A 274 7.36 -3.79 -12.59
C THR A 274 6.73 -2.93 -13.69
N VAL A 275 7.51 -2.05 -14.29
CA VAL A 275 7.03 -1.30 -15.45
C VAL A 275 7.65 -1.83 -16.73
N THR A 276 8.63 -2.72 -16.57
CA THR A 276 9.41 -3.21 -17.68
C THR A 276 8.78 -4.40 -18.43
N MET A 277 7.87 -5.11 -17.76
CA MET A 277 7.10 -6.14 -18.45
C MET A 277 6.25 -5.56 -19.58
N SER A 278 5.49 -4.50 -19.29
CA SER A 278 4.51 -3.98 -20.23
C SER A 278 4.57 -2.47 -20.55
N GLY A 279 5.32 -1.72 -19.77
CA GLY A 279 5.39 -0.27 -19.98
C GLY A 279 4.49 0.49 -19.02
N ARG A 280 3.74 -0.27 -18.22
CA ARG A 280 2.87 0.29 -17.20
C ARG A 280 3.01 -0.56 -15.94
N SER A 281 2.92 0.09 -14.78
CA SER A 281 3.15 -0.58 -13.50
C SER A 281 2.18 -1.72 -13.27
N ALA A 282 2.72 -2.89 -12.93
CA ALA A 282 1.90 -4.09 -12.70
C ALA A 282 2.55 -4.97 -11.63
N ARG A 283 1.71 -5.62 -10.82
CA ARG A 283 2.20 -6.34 -9.65
C ARG A 283 2.18 -7.82 -9.92
N GLY A 284 3.32 -8.48 -9.73
CA GLY A 284 3.35 -9.92 -9.91
C GLY A 284 4.51 -10.58 -9.22
N LEU A 285 4.65 -11.89 -9.45
CA LEU A 285 5.74 -12.67 -8.87
C LEU A 285 7.02 -12.38 -9.66
N PRO A 286 8.00 -11.73 -9.01
CA PRO A 286 9.13 -11.19 -9.77
C PRO A 286 10.02 -12.25 -10.42
N ASN A 287 10.52 -11.90 -11.58
CA ASN A 287 11.39 -12.79 -12.34
C ASN A 287 12.32 -11.96 -13.22
N ARG A 288 12.82 -12.52 -14.33
CA ARG A 288 13.84 -11.81 -15.10
C ARG A 288 13.29 -10.58 -15.83
N MET A 289 11.96 -10.46 -15.92
CA MET A 289 11.38 -9.28 -16.53
C MET A 289 11.12 -8.17 -15.51
N PHE A 290 11.49 -8.42 -14.26
CA PHE A 290 11.39 -7.39 -13.21
C PHE A 290 12.76 -6.79 -12.96
N PHE A 291 13.15 -5.82 -13.79
CA PHE A 291 14.41 -5.13 -13.56
C PHE A 291 14.23 -3.64 -13.35
N ASP A 292 15.32 -3.01 -12.92
CA ASP A 292 15.32 -1.61 -12.56
C ASP A 292 15.47 -0.74 -13.81
N ALA A 293 14.41 -0.06 -14.21
CA ALA A 293 14.43 0.79 -15.40
C ALA A 293 15.27 2.05 -15.18
N ALA A 294 15.56 2.36 -13.91
CA ALA A 294 16.45 3.47 -13.56
C ALA A 294 17.90 3.05 -13.46
N ALA A 295 18.15 1.75 -13.60
CA ALA A 295 19.49 1.19 -13.45
C ALA A 295 20.43 1.65 -14.57
N PRO A 296 21.73 1.74 -14.27
CA PRO A 296 22.70 2.14 -15.31
C PRO A 296 22.70 1.17 -16.47
N GLY A 297 22.55 1.68 -17.68
CA GLY A 297 22.58 0.83 -18.86
C GLY A 297 21.20 0.56 -19.45
N VAL A 298 20.16 0.87 -18.69
CA VAL A 298 18.81 0.69 -19.21
C VAL A 298 18.29 1.99 -19.83
N PRO A 299 17.87 1.91 -21.11
CA PRO A 299 17.39 3.04 -21.91
C PRO A 299 15.95 3.41 -21.58
N PRO A 300 15.50 4.64 -21.96
CA PRO A 300 14.14 5.12 -21.80
C PRO A 300 13.10 4.09 -22.27
N LEU A 301 12.01 3.93 -21.53
CA LEU A 301 10.96 3.00 -21.90
C LEU A 301 10.09 3.55 -23.03
N PRO A 302 9.70 2.68 -23.97
CA PRO A 302 8.62 2.99 -24.90
C PRO A 302 7.29 3.16 -24.16
N ASP A 303 6.27 3.63 -24.88
CA ASP A 303 4.96 3.82 -24.31
C ASP A 303 4.39 2.43 -24.03
N TYR A 304 3.38 2.39 -23.18
CA TYR A 304 2.47 1.24 -23.11
C TYR A 304 1.51 1.40 -24.29
N PRO A 305 1.15 0.28 -24.96
CA PRO A 305 1.54 -1.10 -24.70
C PRO A 305 2.66 -1.62 -25.60
N PHE A 306 3.42 -0.73 -26.24
CA PHE A 306 4.47 -1.14 -27.17
C PHE A 306 5.51 -2.00 -26.46
N VAL A 307 5.81 -1.67 -25.20
CA VAL A 307 6.76 -2.45 -24.41
C VAL A 307 6.30 -3.90 -24.23
N TYR A 308 5.00 -4.09 -23.97
CA TYR A 308 4.47 -5.44 -23.76
C TYR A 308 4.60 -6.27 -25.04
N ASP A 309 4.44 -5.62 -26.19
CA ASP A 309 4.62 -6.28 -27.48
C ASP A 309 5.99 -6.94 -27.55
N ALA A 310 7.04 -6.19 -27.21
CA ALA A 310 8.41 -6.69 -27.18
C ALA A 310 8.56 -7.85 -26.21
N THR A 311 8.02 -7.68 -25.01
CA THR A 311 8.15 -8.68 -23.97
C THR A 311 7.50 -10.00 -24.40
N LYS A 312 6.35 -9.91 -25.05
CA LYS A 312 5.64 -11.12 -25.48
C LYS A 312 6.45 -11.89 -26.52
N ALA A 313 7.08 -11.15 -27.42
CA ALA A 313 8.01 -11.77 -28.37
C ALA A 313 9.08 -12.55 -27.63
N LEU A 314 9.61 -11.95 -26.57
CA LEU A 314 10.68 -12.57 -25.79
C LEU A 314 10.14 -13.77 -25.02
N GLN A 315 8.88 -13.65 -24.57
CA GLN A 315 8.24 -14.73 -23.82
C GLN A 315 8.04 -15.95 -24.71
N THR A 316 7.65 -15.71 -25.97
CA THR A 316 7.54 -16.82 -26.92
C THR A 316 8.85 -17.58 -27.05
N ALA A 317 9.93 -16.84 -27.31
CA ALA A 317 11.24 -17.45 -27.52
C ALA A 317 11.71 -18.19 -26.27
N ALA A 318 11.42 -17.66 -25.10
CA ALA A 318 11.82 -18.32 -23.88
C ALA A 318 11.00 -19.61 -23.68
N LEU A 319 9.72 -19.55 -24.01
CA LEU A 319 8.83 -20.70 -23.84
C LEU A 319 9.26 -21.84 -24.75
N ALA A 320 9.62 -21.51 -25.99
CA ALA A 320 10.06 -22.53 -26.94
C ALA A 320 11.30 -23.32 -26.46
N ARG A 321 11.98 -22.81 -25.44
CA ARG A 321 13.07 -23.55 -24.82
C ARG A 321 12.69 -24.07 -23.45
N GLY A 322 11.39 -24.07 -23.15
CA GLY A 322 10.89 -24.46 -21.84
C GLY A 322 11.29 -23.54 -20.69
N ASN A 323 11.60 -22.28 -21.00
CA ASN A 323 11.96 -21.35 -19.93
C ASN A 323 10.79 -20.43 -19.57
N HIS A 324 10.43 -20.41 -18.29
CA HIS A 324 9.26 -19.66 -17.81
C HIS A 324 9.67 -18.44 -16.97
N ASP A 325 10.95 -18.10 -17.01
CA ASP A 325 11.47 -17.04 -16.18
C ASP A 325 11.10 -15.63 -16.66
N PHE A 326 10.38 -15.55 -17.77
CA PHE A 326 9.97 -14.27 -18.34
C PHE A 326 8.45 -14.11 -18.36
N ALA A 327 7.75 -15.10 -17.80
CA ALA A 327 6.28 -15.13 -17.84
C ALA A 327 5.62 -13.97 -17.10
N ALA A 328 4.40 -13.62 -17.48
CA ALA A 328 3.61 -12.67 -16.70
C ALA A 328 2.79 -13.42 -15.67
N GLN A 329 3.31 -13.48 -14.44
CA GLN A 329 2.63 -14.17 -13.34
C GLN A 329 2.12 -13.16 -12.31
N TRP A 330 0.98 -12.54 -12.62
CA TRP A 330 0.40 -11.52 -11.75
C TRP A 330 -0.21 -12.10 -10.50
N ALA A 331 -0.15 -11.35 -9.41
CA ALA A 331 -0.61 -11.81 -8.11
C ALA A 331 -0.62 -10.62 -7.18
N GLY A 332 -1.66 -10.53 -6.37
CA GLY A 332 -1.72 -9.46 -5.39
C GLY A 332 -0.95 -9.85 -4.13
N GLN A 333 -0.92 -8.89 -3.18
CA GLN A 333 -0.11 -9.04 -1.96
C GLN A 333 -0.72 -10.06 -0.98
N GLY A 334 -1.91 -10.57 -1.30
CA GLY A 334 -2.49 -11.63 -0.48
C GLY A 334 -2.17 -13.00 -1.06
N ALA A 335 -1.22 -13.05 -2.00
CA ALA A 335 -0.97 -14.26 -2.79
C ALA A 335 -0.74 -15.52 -1.97
N ALA A 336 -0.13 -15.38 -0.80
CA ALA A 336 0.16 -16.53 0.04
C ALA A 336 -1.08 -17.19 0.63
N LEU A 337 -2.23 -16.55 0.50
CA LEU A 337 -3.49 -17.09 1.00
C LEU A 337 -4.28 -17.76 -0.13
N ALA A 338 -3.65 -17.94 -1.28
CA ALA A 338 -4.38 -18.46 -2.44
C ALA A 338 -4.78 -19.90 -2.19
N ARG A 339 -5.93 -20.29 -2.72
CA ARG A 339 -6.47 -21.62 -2.56
C ARG A 339 -6.86 -22.13 -3.93
N GLU A 340 -6.82 -23.45 -4.10
CA GLU A 340 -7.10 -24.03 -5.41
C GLU A 340 -8.43 -24.79 -5.35
N LEU A 341 -9.49 -24.18 -5.88
CA LEU A 341 -10.79 -24.82 -5.89
C LEU A 341 -11.51 -24.57 -7.20
N PRO A 342 -12.46 -25.47 -7.58
CA PRO A 342 -13.42 -25.13 -8.63
C PRO A 342 -13.98 -23.75 -8.32
N ALA A 343 -14.15 -22.92 -9.35
CA ALA A 343 -14.55 -21.53 -9.15
C ALA A 343 -15.86 -21.42 -8.37
N ALA A 344 -16.81 -22.29 -8.68
CA ALA A 344 -18.10 -22.26 -8.00
C ALA A 344 -17.94 -22.63 -6.53
N GLU A 345 -17.10 -23.62 -6.25
CA GLU A 345 -16.80 -24.00 -4.88
C GLU A 345 -16.05 -22.92 -4.11
N LEU A 346 -15.15 -22.20 -4.77
CA LEU A 346 -14.47 -21.10 -4.10
C LEU A 346 -15.47 -20.00 -3.76
N LEU A 347 -16.36 -19.69 -4.69
CA LEU A 347 -17.36 -18.67 -4.43
C LEU A 347 -18.26 -19.10 -3.27
N ARG A 348 -18.58 -20.39 -3.20
CA ARG A 348 -19.42 -20.87 -2.11
C ARG A 348 -18.71 -20.70 -0.79
N THR A 349 -17.44 -21.09 -0.75
CA THR A 349 -16.63 -20.95 0.47
C THR A 349 -16.50 -19.49 0.90
N LEU A 350 -16.24 -18.61 -0.06
CA LEU A 350 -16.19 -17.16 0.20
C LEU A 350 -17.47 -16.64 0.84
N VAL A 351 -18.60 -17.04 0.27
CA VAL A 351 -19.93 -16.66 0.77
C VAL A 351 -20.20 -17.17 2.18
N GLU A 352 -19.76 -18.40 2.46
CA GLU A 352 -19.88 -18.97 3.79
C GLU A 352 -19.04 -18.18 4.79
N GLU A 353 -17.81 -17.86 4.39
CA GLU A 353 -16.88 -17.10 5.23
C GLU A 353 -17.42 -15.68 5.48
N LEU A 354 -18.08 -15.12 4.48
CA LEU A 354 -18.69 -13.81 4.59
C LEU A 354 -19.85 -13.81 5.58
N THR B 7 -12.18 -9.31 20.21
CA THR B 7 -11.17 -10.08 20.93
C THR B 7 -10.67 -9.36 22.17
N ASP B 8 -10.43 -10.15 23.22
CA ASP B 8 -9.93 -9.65 24.49
C ASP B 8 -8.43 -9.82 24.55
N ARG B 9 -7.88 -10.46 23.53
CA ARG B 9 -6.48 -10.90 23.51
C ARG B 9 -5.51 -9.78 23.89
N PHE B 10 -5.58 -8.65 23.18
CA PHE B 10 -4.63 -7.56 23.44
C PHE B 10 -4.95 -6.75 24.68
N THR B 11 -6.22 -6.49 24.90
CA THR B 11 -6.63 -5.64 26.02
C THR B 11 -6.28 -6.31 27.36
N ARG B 12 -6.50 -7.62 27.43
CA ARG B 12 -6.10 -8.41 28.60
C ARG B 12 -4.60 -8.49 28.75
N LEU B 13 -3.89 -8.55 27.61
CA LEU B 13 -2.44 -8.66 27.60
C LEU B 13 -1.81 -7.42 28.24
N LEU B 14 -2.38 -6.26 27.96
CA LEU B 14 -1.80 -5.02 28.47
C LEU B 14 -2.54 -4.43 29.67
N GLY B 15 -3.58 -5.12 30.11
CA GLY B 15 -4.38 -4.64 31.22
C GLY B 15 -5.02 -3.31 30.92
N ILE B 16 -5.63 -3.17 29.73
CA ILE B 16 -6.39 -1.96 29.41
C ILE B 16 -7.83 -2.27 29.00
N GLN B 17 -8.63 -1.23 28.81
CA GLN B 17 -10.02 -1.43 28.42
C GLN B 17 -10.23 -1.47 26.92
N GLN B 18 -9.47 -0.66 26.20
CA GLN B 18 -9.74 -0.45 24.78
C GLN B 18 -8.58 -0.90 23.89
N PRO B 19 -8.89 -1.59 22.77
CA PRO B 19 -7.86 -2.10 21.87
C PRO B 19 -7.32 -1.01 20.97
N ILE B 20 -6.94 0.12 21.57
CA ILE B 20 -6.49 1.29 20.84
C ILE B 20 -5.17 1.80 21.41
N ILE B 21 -4.14 1.84 20.57
CA ILE B 21 -2.87 2.46 20.92
C ILE B 21 -2.77 3.77 20.16
N GLN B 22 -2.46 4.84 20.87
CA GLN B 22 -2.09 6.10 20.23
C GLN B 22 -0.61 5.98 19.91
N ALA B 23 -0.26 6.08 18.64
CA ALA B 23 1.11 5.79 18.19
C ALA B 23 2.14 6.70 18.80
N PRO B 24 3.24 6.12 19.31
CA PRO B 24 4.37 6.96 19.73
C PRO B 24 4.86 7.71 18.50
N MET B 25 5.01 9.02 18.63
CA MET B 25 5.40 9.86 17.52
C MET B 25 6.43 10.86 17.98
N LEU B 26 7.70 10.55 17.76
CA LEU B 26 8.80 11.39 18.24
C LEU B 26 8.67 12.80 17.67
N GLY B 27 8.51 13.77 18.57
CA GLY B 27 8.32 15.15 18.16
C GLY B 27 6.87 15.59 18.15
N VAL B 28 5.94 14.64 18.22
CA VAL B 28 4.50 14.94 18.17
C VAL B 28 3.74 14.42 19.40
N SER B 29 4.00 13.17 19.80
CA SER B 29 3.43 12.68 21.06
C SER B 29 4.04 13.42 22.26
N THR B 30 3.34 13.41 23.39
CA THR B 30 3.74 14.07 24.63
C THR B 30 3.16 13.31 25.83
N PRO B 31 3.73 13.51 27.04
CA PRO B 31 3.08 12.90 28.20
C PRO B 31 1.59 13.22 28.37
N ALA B 32 1.19 14.45 28.04
CA ALA B 32 -0.23 14.83 28.08
C ALA B 32 -1.08 13.99 27.11
N LEU B 33 -0.57 13.82 25.89
CA LEU B 33 -1.23 12.99 24.89
C LEU B 33 -1.33 11.55 25.36
N ALA B 34 -0.20 11.02 25.83
CA ALA B 34 -0.15 9.63 26.27
C ALA B 34 -1.12 9.37 27.43
N ALA B 35 -1.08 10.23 28.43
CA ALA B 35 -1.92 10.08 29.61
C ALA B 35 -3.40 10.23 29.28
N ALA B 36 -3.71 11.16 28.39
CA ALA B 36 -5.08 11.35 27.92
C ALA B 36 -5.66 10.08 27.32
N VAL B 37 -4.88 9.41 26.45
CA VAL B 37 -5.35 8.18 25.81
C VAL B 37 -5.43 7.04 26.82
N SER B 38 -4.43 6.98 27.71
CA SER B 38 -4.34 5.92 28.72
C SER B 38 -5.45 6.04 29.77
N ASN B 39 -5.74 7.26 30.20
CA ASN B 39 -6.87 7.50 31.11
C ASN B 39 -8.19 7.23 30.41
N ALA B 40 -8.26 7.49 29.11
CA ALA B 40 -9.49 7.26 28.37
C ALA B 40 -9.75 5.77 28.09
N GLY B 41 -8.80 4.92 28.45
CA GLY B 41 -8.99 3.49 28.38
C GLY B 41 -8.13 2.78 27.34
N GLY B 42 -7.42 3.56 26.53
CA GLY B 42 -6.57 2.99 25.50
C GLY B 42 -5.15 2.87 26.00
N LEU B 43 -4.19 2.83 25.08
CA LEU B 43 -2.79 2.82 25.45
C LEU B 43 -2.10 4.02 24.81
N GLY B 44 -1.82 5.04 25.62
CA GLY B 44 -1.08 6.18 25.13
C GLY B 44 0.39 5.81 25.06
N SER B 45 1.15 6.57 24.29
CA SER B 45 2.56 6.25 24.08
C SER B 45 3.43 7.47 23.95
N ILE B 46 4.68 7.30 24.35
CA ILE B 46 5.72 8.28 24.03
C ILE B 46 6.93 7.64 23.37
N ALA B 47 7.75 8.48 22.75
CA ALA B 47 8.99 8.04 22.13
C ALA B 47 10.12 8.75 22.83
N ILE B 48 11.23 8.04 23.07
CA ILE B 48 12.33 8.60 23.86
C ILE B 48 13.71 8.50 23.22
N THR B 49 13.74 7.99 21.99
CA THR B 49 14.97 7.97 21.21
C THR B 49 15.45 9.40 20.93
N GLY B 50 16.76 9.61 20.93
CA GLY B 50 17.33 10.91 20.65
C GLY B 50 17.61 11.65 21.94
N SER B 51 17.22 11.03 23.05
CA SER B 51 17.36 11.62 24.36
C SER B 51 18.23 10.74 25.26
N ALA B 52 18.95 11.38 26.17
CA ALA B 52 19.76 10.66 27.15
C ALA B 52 18.86 9.81 28.05
N ALA B 53 19.39 8.71 28.57
CA ALA B 53 18.60 7.79 29.38
C ALA B 53 17.86 8.45 30.54
N GLU B 54 18.51 9.39 31.22
CA GLU B 54 17.91 9.99 32.39
C GLU B 54 16.78 10.93 32.00
N LYS B 55 16.86 11.47 30.79
CA LYS B 55 15.83 12.36 30.28
C LYS B 55 14.64 11.50 29.84
N GLY B 56 14.95 10.34 29.26
CA GLY B 56 13.95 9.34 28.98
C GLY B 56 13.25 9.01 30.28
N ARG B 57 14.05 8.72 31.31
CA ARG B 57 13.52 8.39 32.63
C ARG B 57 12.61 9.47 33.19
N ALA B 58 12.93 10.72 32.91
CA ALA B 58 12.11 11.84 33.37
C ALA B 58 10.78 11.86 32.64
N LEU B 59 10.84 11.71 31.32
CA LEU B 59 9.64 11.71 30.48
C LEU B 59 8.66 10.63 30.91
N ILE B 60 9.18 9.43 31.18
CA ILE B 60 8.36 8.33 31.69
C ILE B 60 7.64 8.76 32.97
N ARG B 61 8.40 9.34 33.91
CA ARG B 61 7.84 9.76 35.17
C ARG B 61 6.83 10.88 34.99
N GLU B 62 7.05 11.74 34.00
CA GLU B 62 6.08 12.78 33.66
C GLU B 62 4.75 12.15 33.29
N VAL B 63 4.81 11.05 32.55
CA VAL B 63 3.60 10.35 32.14
C VAL B 63 2.91 9.73 33.35
N ARG B 64 3.70 9.09 34.21
CA ARG B 64 3.17 8.48 35.43
C ARG B 64 2.46 9.50 36.33
N GLY B 65 2.97 10.71 36.37
CA GLY B 65 2.34 11.75 37.17
C GLY B 65 1.00 12.19 36.61
N LEU B 66 0.69 11.77 35.39
CA LEU B 66 -0.56 12.16 34.74
C LEU B 66 -1.57 11.00 34.69
N THR B 67 -1.07 9.78 34.73
CA THR B 67 -1.93 8.61 34.60
C THR B 67 -1.39 7.43 35.39
N ASP B 68 -2.31 6.64 35.97
CA ASP B 68 -1.92 5.43 36.69
C ASP B 68 -2.15 4.20 35.82
N LYS B 69 -2.65 4.45 34.62
CA LYS B 69 -3.00 3.40 33.67
C LYS B 69 -1.80 3.06 32.77
N PRO B 70 -1.80 1.85 32.17
CA PRO B 70 -0.63 1.42 31.39
C PRO B 70 -0.32 2.36 30.22
N PHE B 71 0.95 2.54 29.92
CA PHE B 71 1.34 3.32 28.75
C PHE B 71 2.54 2.70 28.03
N ASN B 72 2.81 3.19 26.84
CA ASN B 72 3.77 2.58 25.95
C ASN B 72 4.99 3.47 25.72
N VAL B 73 6.17 2.87 25.82
CA VAL B 73 7.42 3.62 25.66
C VAL B 73 8.19 3.06 24.47
N ASN B 74 8.42 3.91 23.46
CA ASN B 74 8.96 3.49 22.18
C ASN B 74 10.41 3.87 21.94
N LEU B 75 11.19 2.92 21.46
CA LEU B 75 12.60 3.17 21.21
C LEU B 75 13.00 2.71 19.81
N PHE B 76 13.82 3.50 19.12
CA PHE B 76 14.29 3.12 17.80
C PHE B 76 15.34 2.04 17.97
N CYS B 77 15.26 1.00 17.14
CA CYS B 77 16.19 -0.12 17.19
C CYS B 77 16.85 -0.35 15.82
N HIS B 78 17.16 0.72 15.12
CA HIS B 78 17.78 0.60 13.81
C HIS B 78 19.22 0.09 13.88
N ARG B 79 19.80 -0.24 12.74
CA ARG B 79 21.22 -0.52 12.66
C ARG B 79 21.98 0.79 12.91
N PRO B 80 22.89 0.80 13.90
CA PRO B 80 23.62 2.04 14.24
C PRO B 80 24.22 2.68 13.01
N GLY B 81 23.94 3.96 12.83
CA GLY B 81 24.35 4.67 11.63
C GLY B 81 25.86 4.74 11.55
N GLN B 82 26.37 4.64 10.32
CA GLN B 82 27.80 4.64 10.07
C GLN B 82 28.26 6.01 9.56
N ALA B 83 29.05 6.71 10.35
CA ALA B 83 29.62 7.98 9.90
C ALA B 83 30.42 7.82 8.60
N ASP B 84 30.31 8.82 7.73
CA ASP B 84 31.02 8.84 6.47
C ASP B 84 31.22 10.31 6.16
N PRO B 85 32.25 10.92 6.77
CA PRO B 85 32.52 12.36 6.65
C PRO B 85 32.60 12.87 5.20
N ALA B 86 33.13 12.06 4.29
CA ALA B 86 33.21 12.45 2.89
C ALA B 86 31.84 12.52 2.25
N ARG B 87 31.03 11.48 2.50
CA ARG B 87 29.68 11.43 1.96
C ARG B 87 28.85 12.55 2.57
N GLU B 88 29.02 12.74 3.88
CA GLU B 88 28.32 13.79 4.60
C GLU B 88 28.70 15.20 4.14
N ARG B 89 29.99 15.42 3.89
CA ARG B 89 30.42 16.70 3.35
C ARG B 89 29.82 16.95 1.96
N ALA B 90 29.82 15.93 1.10
CA ALA B 90 29.26 16.11 -0.23
C ALA B 90 27.76 16.38 -0.17
N TRP B 91 27.08 15.85 0.84
CA TRP B 91 25.65 16.05 0.99
C TRP B 91 25.41 17.50 1.39
N LEU B 92 26.17 17.96 2.39
CA LEU B 92 26.08 19.33 2.86
C LEU B 92 26.36 20.36 1.75
N ASP B 93 27.43 20.16 0.98
CA ASP B 93 27.69 21.02 -0.18
C ASP B 93 26.48 21.06 -1.12
N TYR B 94 25.81 19.93 -1.30
CA TYR B 94 24.65 19.87 -2.17
C TYR B 94 23.49 20.70 -1.62
N LEU B 95 23.37 20.73 -0.29
CA LEU B 95 22.32 21.51 0.35
C LEU B 95 22.66 22.99 0.46
N LYS B 96 23.92 23.34 0.17
CA LYS B 96 24.39 24.71 0.35
C LYS B 96 23.46 25.81 -0.19
N PRO B 97 22.97 25.67 -1.45
CA PRO B 97 22.06 26.72 -1.93
C PRO B 97 20.74 26.87 -1.14
N LEU B 98 20.26 25.78 -0.55
CA LEU B 98 19.05 25.84 0.26
C LEU B 98 19.27 26.63 1.55
N PHE B 99 20.41 26.40 2.18
CA PHE B 99 20.77 27.15 3.38
C PHE B 99 20.94 28.63 3.02
N ALA B 100 21.61 28.88 1.90
CA ALA B 100 21.92 30.24 1.46
C ALA B 100 20.66 31.07 1.21
N GLU B 101 19.60 30.37 0.79
CA GLU B 101 18.29 30.99 0.60
C GLU B 101 17.81 31.71 1.87
N PHE B 102 18.17 31.17 3.03
CA PHE B 102 17.74 31.78 4.28
C PHE B 102 18.89 32.47 4.99
N GLY B 103 19.91 32.81 4.22
CA GLY B 103 21.03 33.58 4.71
C GLY B 103 21.87 32.79 5.69
N ALA B 104 21.86 31.47 5.50
CA ALA B 104 22.54 30.58 6.43
C ALA B 104 23.56 29.70 5.73
N GLU B 105 24.40 29.06 6.54
CA GLU B 105 25.33 28.05 6.05
C GLU B 105 25.00 26.71 6.66
N PRO B 106 25.27 25.62 5.92
CA PRO B 106 25.05 24.29 6.47
C PRO B 106 26.02 24.03 7.61
N PRO B 107 25.64 23.13 8.53
CA PRO B 107 26.52 22.68 9.61
C PRO B 107 27.88 22.23 9.07
N VAL B 108 28.91 22.34 9.89
CA VAL B 108 30.24 21.90 9.46
C VAL B 108 30.30 20.37 9.44
N ARG B 109 29.72 19.73 10.45
CA ARG B 109 29.72 18.28 10.58
C ARG B 109 28.31 17.75 10.91
N LEU B 110 28.09 16.45 10.70
CA LEU B 110 26.80 15.85 11.05
C LEU B 110 26.95 14.86 12.20
N LYS B 111 25.89 14.69 12.98
CA LYS B 111 25.95 13.90 14.19
C LYS B 111 24.91 12.78 14.19
N ASN B 112 25.26 11.67 14.84
CA ASN B 112 24.35 10.55 15.03
C ASN B 112 23.27 10.93 16.05
N ILE B 113 22.31 11.73 15.64
CA ILE B 113 21.36 12.31 16.59
C ILE B 113 20.43 11.33 17.24
N TYR B 114 20.20 10.18 16.61
CA TYR B 114 19.29 9.19 17.17
C TYR B 114 20.05 7.92 17.46
N LEU B 115 20.48 7.73 18.72
CA LEU B 115 21.18 6.51 19.10
C LEU B 115 20.21 5.33 19.09
N SER B 116 20.63 4.25 18.46
CA SER B 116 19.86 3.01 18.43
C SER B 116 19.97 2.30 19.78
N PHE B 117 18.86 1.73 20.21
CA PHE B 117 18.81 0.85 21.39
C PHE B 117 19.94 -0.19 21.38
N LEU B 118 20.43 -0.55 20.18
CA LEU B 118 21.53 -1.50 20.04
C LEU B 118 22.91 -0.88 20.23
N GLU B 119 22.99 0.43 20.42
CA GLU B 119 24.28 1.10 20.56
C GLU B 119 24.34 2.01 21.79
N ASP B 120 23.23 2.10 22.52
CA ASP B 120 23.21 2.79 23.80
C ASP B 120 22.87 1.80 24.92
N PRO B 121 23.90 1.32 25.63
CA PRO B 121 23.73 0.28 26.65
C PRO B 121 22.93 0.75 27.86
N THR B 122 22.74 2.06 27.99
CA THR B 122 22.17 2.66 29.20
C THR B 122 20.65 2.68 29.19
N LEU B 123 20.06 2.39 28.03
CA LEU B 123 18.60 2.45 27.89
C LEU B 123 17.92 1.25 28.55
N LEU B 124 18.45 0.05 28.30
CA LEU B 124 17.89 -1.19 28.83
C LEU B 124 17.78 -1.16 30.38
N PRO B 125 18.91 -0.91 31.08
CA PRO B 125 18.84 -0.84 32.54
C PRO B 125 17.88 0.23 33.06
N MET B 126 17.75 1.35 32.36
CA MET B 126 16.82 2.39 32.80
C MET B 126 15.41 1.89 32.66
N LEU B 127 15.14 1.21 31.55
CA LEU B 127 13.83 0.63 31.33
C LEU B 127 13.47 -0.42 32.38
N LEU B 128 14.45 -1.25 32.78
CA LEU B 128 14.19 -2.27 33.79
C LEU B 128 13.91 -1.67 35.17
N GLU B 129 14.27 -0.40 35.34
CA GLU B 129 13.98 0.30 36.59
C GLU B 129 12.60 0.94 36.56
N GLU B 130 12.33 1.72 35.52
CA GLU B 130 11.04 2.43 35.44
C GLU B 130 9.85 1.49 35.21
N ARG B 131 10.08 0.38 34.50
CA ARG B 131 9.05 -0.64 34.26
C ARG B 131 7.73 -0.12 33.67
N PRO B 132 7.78 0.55 32.51
CA PRO B 132 6.50 0.95 31.91
C PRO B 132 5.76 -0.31 31.47
N ALA B 133 4.43 -0.25 31.36
CA ALA B 133 3.64 -1.44 31.06
C ALA B 133 4.04 -2.06 29.74
N ALA B 134 4.42 -1.20 28.77
CA ALA B 134 4.82 -1.66 27.46
C ALA B 134 6.05 -0.93 26.94
N VAL B 135 6.94 -1.69 26.32
CA VAL B 135 8.09 -1.14 25.65
C VAL B 135 8.07 -1.61 24.20
N SER B 136 8.03 -0.65 23.28
CA SER B 136 7.92 -0.99 21.87
C SER B 136 9.19 -0.58 21.11
N PHE B 137 9.51 -1.31 20.05
CA PHE B 137 10.69 -1.03 19.23
C PHE B 137 10.34 -0.88 17.75
N HIS B 138 11.08 0.00 17.07
CA HIS B 138 10.88 0.34 15.68
C HIS B 138 12.19 0.15 14.92
N PHE B 139 12.09 -0.32 13.68
CA PHE B 139 13.21 -0.51 12.75
C PHE B 139 13.95 -1.85 12.96
N GLY B 140 13.61 -2.58 14.00
CA GLY B 140 14.25 -3.87 14.27
C GLY B 140 13.87 -4.47 15.62
N ALA B 141 14.35 -5.69 15.87
CA ALA B 141 14.13 -6.36 17.15
C ALA B 141 15.41 -6.48 17.97
N PRO B 142 15.33 -6.28 19.30
CA PRO B 142 16.46 -6.54 20.21
C PRO B 142 16.78 -8.04 20.27
N PRO B 143 17.90 -8.42 20.89
CA PRO B 143 18.17 -9.85 21.08
C PRO B 143 17.11 -10.44 22.01
N ARG B 144 16.84 -11.75 21.90
CA ARG B 144 15.78 -12.35 22.70
C ARG B 144 15.99 -12.19 24.20
N ASP B 145 17.24 -12.29 24.63
CA ASP B 145 17.54 -12.23 26.06
C ASP B 145 17.22 -10.85 26.64
N GLN B 146 17.37 -9.81 25.81
CA GLN B 146 17.00 -8.44 26.21
C GLN B 146 15.48 -8.26 26.30
N VAL B 147 14.76 -8.81 25.33
CA VAL B 147 13.30 -8.81 25.38
C VAL B 147 12.82 -9.58 26.60
N ARG B 148 13.45 -10.73 26.85
CA ARG B 148 13.11 -11.55 28.00
C ARG B 148 13.38 -10.83 29.33
N ALA B 149 14.47 -10.07 29.40
CA ALA B 149 14.77 -9.29 30.61
C ALA B 149 13.66 -8.30 30.95
N LEU B 150 13.13 -7.62 29.94
CA LEU B 150 12.04 -6.66 30.17
C LEU B 150 10.78 -7.41 30.57
N GLN B 151 10.54 -8.55 29.93
CA GLN B 151 9.35 -9.35 30.20
C GLN B 151 9.43 -9.92 31.60
N ALA B 152 10.63 -10.32 32.01
CA ALA B 152 10.85 -10.89 33.35
C ALA B 152 10.44 -9.96 34.50
N VAL B 153 10.26 -8.69 34.17
CA VAL B 153 9.98 -7.66 35.16
C VAL B 153 8.51 -7.20 35.02
N GLY B 154 7.80 -7.78 34.05
CA GLY B 154 6.38 -7.51 33.90
C GLY B 154 6.03 -6.64 32.70
N ILE B 155 7.05 -6.25 31.95
CA ILE B 155 6.84 -5.35 30.81
C ILE B 155 6.42 -6.11 29.56
N ARG B 156 5.38 -5.63 28.87
CA ARG B 156 5.02 -6.18 27.57
C ARG B 156 5.90 -5.56 26.50
N VAL B 157 6.33 -6.37 25.54
CA VAL B 157 7.22 -5.91 24.48
C VAL B 157 6.52 -5.96 23.11
N LEU B 158 6.49 -4.81 22.43
CA LEU B 158 5.95 -4.66 21.08
C LEU B 158 7.07 -4.40 20.07
N VAL B 159 6.99 -4.99 18.89
CA VAL B 159 7.91 -4.68 17.80
C VAL B 159 7.12 -4.45 16.51
N CYS B 160 7.54 -3.47 15.73
CA CYS B 160 6.91 -3.18 14.45
C CYS B 160 7.52 -4.04 13.34
N ALA B 161 6.65 -4.61 12.52
CA ALA B 161 7.09 -5.39 11.38
C ALA B 161 6.28 -4.96 10.17
N THR B 162 6.85 -5.13 9.01
CA THR B 162 6.33 -4.51 7.81
C THR B 162 6.06 -5.63 6.79
N THR B 163 6.60 -6.81 7.10
CA THR B 163 6.44 -7.99 6.25
C THR B 163 6.30 -9.24 7.12
N PRO B 164 5.79 -10.32 6.52
CA PRO B 164 5.82 -11.62 7.23
C PRO B 164 7.25 -12.00 7.61
N GLU B 165 8.24 -11.65 6.79
CA GLU B 165 9.61 -12.05 7.09
C GLU B 165 10.12 -11.31 8.32
N GLU B 166 9.77 -10.04 8.41
CA GLU B 166 10.18 -9.28 9.60
C GLU B 166 9.41 -9.75 10.82
N ALA B 167 8.13 -10.09 10.62
CA ALA B 167 7.28 -10.61 11.69
C ALA B 167 7.87 -11.89 12.30
N ALA B 168 8.48 -12.71 11.46
CA ALA B 168 9.13 -13.95 11.93
C ALA B 168 10.30 -13.62 12.85
N LEU B 169 11.01 -12.55 12.53
CA LEU B 169 12.09 -12.07 13.36
C LEU B 169 11.55 -11.54 14.69
N VAL B 170 10.40 -10.90 14.65
CA VAL B 170 9.77 -10.44 15.87
C VAL B 170 9.41 -11.63 16.77
N GLU B 171 8.91 -12.70 16.16
CA GLU B 171 8.59 -13.93 16.89
C GLU B 171 9.85 -14.54 17.52
N ALA B 172 10.92 -14.57 16.74
CA ALA B 172 12.19 -15.12 17.21
C ALA B 172 12.80 -14.30 18.35
N ALA B 173 12.49 -13.00 18.39
CA ALA B 173 12.98 -12.12 19.47
C ALA B 173 12.17 -12.32 20.73
N GLY B 174 11.02 -12.97 20.57
CA GLY B 174 10.12 -13.22 21.69
C GLY B 174 9.16 -12.12 22.11
N ALA B 175 8.82 -11.21 21.20
CA ALA B 175 7.88 -10.13 21.54
C ALA B 175 6.51 -10.67 21.93
N ASP B 176 5.74 -9.86 22.67
CA ASP B 176 4.39 -10.25 23.09
C ASP B 176 3.36 -9.95 21.99
N ALA B 177 3.65 -8.97 21.14
CA ALA B 177 2.77 -8.58 20.04
C ALA B 177 3.57 -7.94 18.90
N VAL B 178 3.08 -8.09 17.69
CA VAL B 178 3.73 -7.41 16.58
C VAL B 178 2.84 -6.26 16.08
N VAL B 179 3.47 -5.11 15.85
CA VAL B 179 2.76 -3.99 15.22
C VAL B 179 2.94 -4.07 13.71
N ALA B 180 1.86 -4.43 13.05
CA ALA B 180 1.85 -4.68 11.60
C ALA B 180 1.64 -3.36 10.87
N GLN B 181 2.71 -2.78 10.34
CA GLN B 181 2.61 -1.46 9.74
C GLN B 181 2.45 -1.57 8.22
N GLY B 182 1.29 -1.15 7.71
CA GLY B 182 1.03 -1.22 6.28
C GLY B 182 1.58 0.03 5.61
N ILE B 183 1.57 0.05 4.28
CA ILE B 183 2.09 1.14 3.47
C ILE B 183 1.35 2.46 3.79
N GLU B 184 0.13 2.35 4.28
CA GLU B 184 -0.66 3.55 4.58
C GLU B 184 -0.04 4.44 5.67
N ALA B 185 0.72 3.83 6.57
CA ALA B 185 1.22 4.47 7.78
C ALA B 185 2.00 5.76 7.55
N GLY B 186 1.74 6.76 8.39
CA GLY B 186 2.48 8.00 8.38
C GLY B 186 3.78 7.83 9.12
N GLY B 187 4.75 8.70 8.84
CA GLY B 187 6.04 8.63 9.53
C GLY B 187 7.00 7.60 8.96
N HIS B 188 8.05 7.30 9.72
CA HIS B 188 9.07 6.38 9.25
C HIS B 188 8.57 4.94 9.14
N ARG B 189 8.82 4.36 7.98
CA ARG B 189 8.52 2.95 7.73
C ARG B 189 9.39 2.01 8.56
N GLY B 190 8.76 0.96 9.09
CA GLY B 190 9.46 0.07 10.00
C GLY B 190 10.33 -1.00 9.36
N VAL B 191 10.69 -0.83 8.09
CA VAL B 191 11.50 -1.84 7.39
C VAL B 191 12.87 -2.04 8.07
N PHE B 192 13.27 -3.30 8.28
CA PHE B 192 14.48 -3.59 9.06
C PHE B 192 15.76 -3.25 8.26
N GLU B 193 15.78 -3.67 6.99
CA GLU B 193 16.95 -3.55 6.10
C GLU B 193 16.54 -2.92 4.79
N PRO B 194 16.37 -1.61 4.78
CA PRO B 194 15.90 -0.85 3.62
C PRO B 194 16.78 -1.10 2.41
N GLU B 195 18.06 -1.41 2.64
CA GLU B 195 18.99 -1.69 1.54
C GLU B 195 18.60 -2.90 0.68
N ARG B 196 17.75 -3.78 1.22
CA ARG B 196 17.27 -4.94 0.47
C ARG B 196 16.02 -4.62 -0.32
N GLY B 197 15.53 -3.40 -0.18
CA GLY B 197 14.29 -3.01 -0.83
C GLY B 197 13.14 -2.92 0.16
N ASP B 198 11.93 -2.75 -0.35
CA ASP B 198 10.77 -2.52 0.50
C ASP B 198 9.56 -3.10 -0.19
N ALA B 199 9.02 -4.16 0.41
CA ALA B 199 7.89 -4.87 -0.16
C ALA B 199 6.64 -3.99 -0.22
N ALA B 200 6.61 -2.96 0.63
CA ALA B 200 5.54 -1.95 0.67
C ALA B 200 4.15 -2.55 0.63
N ILE B 201 3.86 -3.40 1.61
CA ILE B 201 2.60 -4.12 1.73
C ILE B 201 1.54 -3.27 2.43
N GLY B 202 0.36 -3.20 1.83
CA GLY B 202 -0.75 -2.45 2.39
C GLY B 202 -1.26 -3.09 3.66
N THR B 203 -1.83 -2.25 4.54
CA THR B 203 -2.42 -2.71 5.81
C THR B 203 -3.36 -3.90 5.67
N LEU B 204 -4.33 -3.82 4.76
CA LEU B 204 -5.29 -4.92 4.57
C LEU B 204 -4.57 -6.26 4.34
N ALA B 205 -3.60 -6.29 3.45
CA ALA B 205 -2.93 -7.57 3.18
C ALA B 205 -2.05 -7.99 4.37
N LEU B 206 -1.18 -7.10 4.82
CA LEU B 206 -0.23 -7.40 5.89
C LEU B 206 -0.89 -7.91 7.16
N VAL B 207 -1.95 -7.23 7.61
CA VAL B 207 -2.66 -7.67 8.81
C VAL B 207 -3.27 -9.08 8.64
N ARG B 208 -3.91 -9.30 7.50
CA ARG B 208 -4.46 -10.61 7.20
C ARG B 208 -3.37 -11.70 7.16
N LEU B 209 -2.29 -11.43 6.44
CA LEU B 209 -1.15 -12.35 6.35
C LEU B 209 -0.56 -12.75 7.73
N LEU B 210 -0.34 -11.75 8.58
CA LEU B 210 0.17 -11.98 9.93
C LEU B 210 -0.81 -12.68 10.87
N ALA B 211 -2.09 -12.35 10.76
CA ALA B 211 -3.07 -12.94 11.65
C ALA B 211 -3.39 -14.36 11.26
N ALA B 212 -3.52 -14.60 9.96
CA ALA B 212 -3.97 -15.90 9.48
C ALA B 212 -2.86 -16.92 9.47
N ARG B 213 -1.63 -16.46 9.29
CA ARG B 213 -0.51 -17.39 9.19
C ARG B 213 0.45 -17.25 10.37
N GLY B 214 0.06 -16.49 11.38
CA GLY B 214 0.89 -16.33 12.54
C GLY B 214 0.09 -16.55 13.82
N SER B 215 0.78 -16.57 14.96
CA SER B 215 0.13 -16.81 16.24
C SER B 215 0.34 -15.68 17.24
N LEU B 216 1.18 -14.70 16.90
CA LEU B 216 1.35 -13.53 17.74
C LEU B 216 0.14 -12.61 17.60
N PRO B 217 -0.32 -12.02 18.71
CA PRO B 217 -1.34 -10.97 18.61
C PRO B 217 -0.88 -9.88 17.65
N VAL B 218 -1.77 -9.44 16.76
CA VAL B 218 -1.38 -8.48 15.73
C VAL B 218 -2.02 -7.14 16.00
N VAL B 219 -1.20 -6.09 15.97
CA VAL B 219 -1.69 -4.73 16.08
C VAL B 219 -1.58 -4.04 14.72
N ALA B 220 -2.73 -3.69 14.14
CA ALA B 220 -2.78 -3.10 12.81
C ALA B 220 -2.44 -1.61 12.84
N ALA B 221 -1.47 -1.18 12.04
CA ALA B 221 -1.10 0.23 11.95
C ALA B 221 -0.99 0.71 10.51
N GLY B 222 -1.75 1.75 10.19
CA GLY B 222 -1.63 2.41 8.91
C GLY B 222 -2.97 2.66 8.25
N GLY B 223 -3.37 3.93 8.18
CA GLY B 223 -4.60 4.30 7.50
C GLY B 223 -5.87 4.26 8.33
N ILE B 224 -5.76 3.86 9.60
CA ILE B 224 -6.94 3.69 10.45
C ILE B 224 -7.32 5.02 11.12
N MET B 225 -8.52 5.53 10.81
CA MET B 225 -8.90 6.89 11.21
C MET B 225 -10.25 6.99 11.91
N ASP B 226 -10.93 5.86 12.07
CA ASP B 226 -12.26 5.84 12.69
C ASP B 226 -12.64 4.44 13.16
N GLY B 227 -13.85 4.31 13.70
CA GLY B 227 -14.35 3.05 14.20
C GLY B 227 -14.55 2.03 13.11
N ARG B 228 -14.89 2.47 11.91
CA ARG B 228 -15.06 1.54 10.80
C ARG B 228 -13.73 0.87 10.45
N GLY B 229 -12.67 1.68 10.42
CA GLY B 229 -11.33 1.20 10.23
C GLY B 229 -10.94 0.19 11.29
N ILE B 230 -11.22 0.50 12.55
CA ILE B 230 -10.86 -0.42 13.63
C ILE B 230 -11.61 -1.72 13.48
N ARG B 231 -12.90 -1.62 13.13
CA ARG B 231 -13.75 -2.78 12.91
C ARG B 231 -13.18 -3.63 11.78
N ALA B 232 -12.77 -2.97 10.71
CA ALA B 232 -12.20 -3.66 9.57
C ALA B 232 -10.91 -4.40 9.92
N ALA B 233 -10.04 -3.74 10.70
CA ALA B 233 -8.81 -4.35 11.18
C ALA B 233 -9.04 -5.60 12.02
N LEU B 234 -10.07 -5.54 12.88
CA LEU B 234 -10.42 -6.70 13.70
C LEU B 234 -10.94 -7.86 12.84
N GLU B 235 -11.73 -7.56 11.82
CA GLU B 235 -12.22 -8.59 10.90
C GLU B 235 -11.07 -9.30 10.20
N LEU B 236 -10.03 -8.53 9.87
CA LEU B 236 -8.83 -9.08 9.26
C LEU B 236 -8.07 -10.01 10.22
N GLY B 237 -8.39 -9.92 11.51
CA GLY B 237 -7.72 -10.75 12.51
C GLY B 237 -6.78 -10.03 13.48
N ALA B 238 -6.72 -8.70 13.41
CA ALA B 238 -5.89 -7.96 14.34
C ALA B 238 -6.53 -7.99 15.73
N SER B 239 -5.71 -7.83 16.78
CA SER B 239 -6.23 -7.85 18.15
C SER B 239 -6.36 -6.45 18.71
N ALA B 240 -5.85 -5.47 17.96
CA ALA B 240 -5.84 -4.07 18.38
C ALA B 240 -5.32 -3.26 17.22
N VAL B 241 -5.43 -1.92 17.34
CA VAL B 241 -4.92 -1.02 16.32
C VAL B 241 -3.98 0.01 16.92
N GLN B 242 -3.13 0.57 16.06
CA GLN B 242 -2.26 1.66 16.46
C GLN B 242 -2.52 2.81 15.51
N MET B 243 -2.87 3.98 16.07
CA MET B 243 -3.23 5.14 15.28
C MET B 243 -2.30 6.32 15.57
N GLY B 244 -1.68 6.85 14.52
CA GLY B 244 -0.78 7.97 14.68
C GLY B 244 -1.42 9.26 14.21
N THR B 245 -1.57 9.37 12.90
CA THR B 245 -2.17 10.53 12.23
C THR B 245 -3.45 11.03 12.92
N ALA B 246 -4.31 10.10 13.31
CA ALA B 246 -5.59 10.43 13.94
C ALA B 246 -5.44 11.29 15.22
N PHE B 247 -4.29 11.21 15.88
CA PHE B 247 -4.09 11.95 17.12
C PHE B 247 -3.26 13.24 16.99
N VAL B 248 -2.83 13.56 15.79
CA VAL B 248 -1.91 14.66 15.57
C VAL B 248 -2.55 16.02 15.85
N LEU B 249 -3.80 16.20 15.41
CA LEU B 249 -4.49 17.48 15.61
C LEU B 249 -4.98 17.69 17.04
N CYS B 250 -4.89 16.65 17.87
CA CYS B 250 -5.27 16.79 19.28
C CYS B 250 -4.46 17.89 19.95
N PRO B 251 -5.10 18.63 20.87
CA PRO B 251 -4.46 19.76 21.55
C PRO B 251 -3.30 19.32 22.42
N GLU B 252 -3.32 18.08 22.89
CA GLU B 252 -2.27 17.59 23.76
C GLU B 252 -0.97 17.32 23.02
N SER B 253 -1.04 17.22 21.69
CA SER B 253 0.13 16.92 20.89
C SER B 253 1.03 18.13 20.75
N SER B 254 2.29 17.88 20.39
CA SER B 254 3.27 18.93 20.22
C SER B 254 3.47 19.28 18.75
N ALA B 255 2.47 18.99 17.92
CA ALA B 255 2.49 19.46 16.54
C ALA B 255 2.47 20.98 16.54
N ASN B 256 3.31 21.63 15.75
CA ASN B 256 3.26 23.08 15.74
C ASN B 256 2.11 23.62 14.89
N ALA B 257 1.97 24.94 14.86
CA ALA B 257 0.87 25.60 14.16
C ALA B 257 0.78 25.17 12.71
N ALA B 258 1.90 25.33 11.99
CA ALA B 258 1.97 25.08 10.55
C ALA B 258 1.65 23.62 10.21
N TYR B 259 2.04 22.71 11.09
CA TYR B 259 1.81 21.28 10.93
C TYR B 259 0.30 21.03 10.98
N ARG B 260 -0.35 21.63 11.98
CA ARG B 260 -1.79 21.48 12.18
C ARG B 260 -2.57 22.04 11.00
N GLU B 261 -2.06 23.15 10.46
CA GLU B 261 -2.68 23.79 9.31
C GLU B 261 -2.57 22.93 8.05
N ALA B 262 -1.39 22.35 7.82
CA ALA B 262 -1.19 21.48 6.67
C ALA B 262 -2.14 20.29 6.71
N LEU B 263 -2.25 19.69 7.90
CA LEU B 263 -3.04 18.48 8.09
C LEU B 263 -4.53 18.76 7.99
N LYS B 264 -4.91 19.99 8.34
CA LYS B 264 -6.31 20.38 8.32
C LYS B 264 -6.75 20.82 6.93
N GLY B 265 -5.77 21.17 6.11
CA GLY B 265 -6.04 21.76 4.82
C GLY B 265 -6.00 20.76 3.69
N PRO B 266 -6.06 21.26 2.45
CA PRO B 266 -6.11 20.46 1.23
C PRO B 266 -4.85 19.62 0.95
N ARG B 267 -3.75 19.87 1.66
CA ARG B 267 -2.51 19.12 1.40
C ARG B 267 -2.70 17.70 1.89
N ALA B 268 -3.64 17.54 2.81
CA ALA B 268 -3.90 16.26 3.44
C ALA B 268 -4.43 15.20 2.49
N ALA B 269 -4.82 15.61 1.27
CA ALA B 269 -5.36 14.64 0.30
C ALA B 269 -4.28 13.80 -0.35
N ARG B 270 -3.03 14.21 -0.21
CA ARG B 270 -1.95 13.47 -0.87
C ARG B 270 -0.67 13.40 -0.03
N THR B 271 -0.30 12.17 0.30
CA THR B 271 0.95 11.91 1.01
C THR B 271 1.94 11.23 0.09
N ALA B 272 3.19 11.19 0.52
CA ALA B 272 4.25 10.60 -0.26
C ALA B 272 5.40 10.14 0.65
N LEU B 273 6.24 9.26 0.12
CA LEU B 273 7.40 8.76 0.85
C LEU B 273 8.66 9.54 0.47
N THR B 274 9.52 9.81 1.46
CA THR B 274 10.79 10.47 1.23
C THR B 274 11.90 9.76 2.01
N VAL B 275 13.08 9.67 1.42
CA VAL B 275 14.25 9.19 2.13
C VAL B 275 15.23 10.36 2.31
N THR B 276 14.95 11.46 1.62
CA THR B 276 15.84 12.62 1.65
C THR B 276 15.69 13.49 2.89
N MET B 277 14.59 13.35 3.62
CA MET B 277 14.39 14.11 4.85
C MET B 277 15.31 13.60 5.97
N SER B 278 15.32 12.28 6.17
CA SER B 278 15.95 11.69 7.36
C SER B 278 17.01 10.64 7.04
N GLY B 279 17.05 10.20 5.79
CA GLY B 279 17.90 9.08 5.38
C GLY B 279 17.20 7.74 5.42
N ARG B 280 15.97 7.73 5.94
CA ARG B 280 15.13 6.53 5.99
C ARG B 280 13.74 6.85 5.47
N SER B 281 13.20 5.94 4.65
CA SER B 281 11.89 6.10 4.04
C SER B 281 10.83 6.45 5.08
N ALA B 282 10.12 7.56 4.82
CA ALA B 282 9.06 8.08 5.69
C ALA B 282 7.94 8.78 4.89
N ARG B 283 6.71 8.72 5.40
CA ARG B 283 5.57 9.24 4.67
C ARG B 283 5.01 10.50 5.31
N GLY B 284 4.81 11.55 4.52
CA GLY B 284 4.19 12.75 5.02
C GLY B 284 3.72 13.62 3.90
N LEU B 285 3.33 14.85 4.24
CA LEU B 285 2.81 15.80 3.27
C LEU B 285 3.97 16.36 2.50
N PRO B 286 4.03 16.08 1.19
CA PRO B 286 5.18 16.47 0.37
C PRO B 286 5.48 17.96 0.45
N ASN B 287 6.77 18.29 0.41
CA ASN B 287 7.25 19.67 0.37
C ASN B 287 8.65 19.71 -0.23
N ARG B 288 9.39 20.80 -0.04
CA ARG B 288 10.71 20.92 -0.67
C ARG B 288 11.76 19.88 -0.20
N MET B 289 11.50 19.21 0.92
CA MET B 289 12.43 18.18 1.38
C MET B 289 12.12 16.81 0.76
N PHE B 290 11.08 16.76 -0.07
CA PHE B 290 10.73 15.54 -0.79
C PHE B 290 11.30 15.60 -2.22
N PHE B 291 12.56 15.26 -2.39
CA PHE B 291 13.11 15.28 -3.75
C PHE B 291 13.69 13.94 -4.21
N ASP B 292 13.96 13.84 -5.50
CA ASP B 292 14.43 12.60 -6.07
C ASP B 292 15.92 12.42 -5.81
N ALA B 293 16.26 11.49 -4.94
CA ALA B 293 17.65 11.23 -4.59
C ALA B 293 18.36 10.50 -5.72
N ALA B 294 17.58 10.04 -6.69
CA ALA B 294 18.13 9.36 -7.87
C ALA B 294 18.38 10.36 -9.01
N ALA B 295 17.96 11.60 -8.80
CA ALA B 295 18.11 12.67 -9.81
C ALA B 295 19.57 13.01 -10.11
N PRO B 296 19.84 13.62 -11.27
CA PRO B 296 21.23 13.94 -11.58
C PRO B 296 21.77 15.01 -10.63
N GLY B 297 23.02 14.86 -10.22
CA GLY B 297 23.67 15.87 -9.39
C GLY B 297 23.34 15.76 -7.92
N VAL B 298 22.50 14.78 -7.57
CA VAL B 298 22.30 14.46 -6.16
C VAL B 298 23.31 13.41 -5.75
N PRO B 299 24.20 13.77 -4.80
CA PRO B 299 25.24 12.84 -4.37
C PRO B 299 24.65 11.68 -3.60
N PRO B 300 25.43 10.62 -3.38
CA PRO B 300 24.98 9.52 -2.53
C PRO B 300 24.48 10.02 -1.17
N LEU B 301 23.46 9.36 -0.66
CA LEU B 301 22.85 9.71 0.60
C LEU B 301 23.70 9.18 1.77
N PRO B 302 24.00 10.03 2.76
CA PRO B 302 24.61 9.56 4.01
C PRO B 302 23.71 8.57 4.74
N ASP B 303 24.24 7.92 5.77
CA ASP B 303 23.47 7.02 6.60
C ASP B 303 22.37 7.74 7.38
N TYR B 304 21.31 7.01 7.71
CA TYR B 304 20.39 7.41 8.78
C TYR B 304 21.14 7.27 10.11
N PRO B 305 20.97 8.22 11.05
CA PRO B 305 20.16 9.45 11.00
C PRO B 305 20.98 10.72 10.71
N PHE B 306 22.19 10.60 10.21
CA PHE B 306 22.99 11.76 9.88
C PHE B 306 22.28 12.68 8.90
N VAL B 307 21.55 12.10 7.96
CA VAL B 307 20.80 12.88 6.99
C VAL B 307 19.82 13.80 7.70
N TYR B 308 19.10 13.27 8.68
CA TYR B 308 18.10 14.04 9.41
C TYR B 308 18.77 15.23 10.14
N ASP B 309 19.97 15.01 10.65
CA ASP B 309 20.75 16.09 11.28
C ASP B 309 20.94 17.25 10.30
N ALA B 310 21.34 16.95 9.07
CA ALA B 310 21.51 17.97 8.04
C ALA B 310 20.18 18.68 7.78
N THR B 311 19.12 17.90 7.65
CA THR B 311 17.79 18.46 7.38
C THR B 311 17.27 19.33 8.54
N LYS B 312 17.48 18.88 9.76
CA LYS B 312 17.05 19.62 10.95
C LYS B 312 17.75 20.97 11.04
N ALA B 313 18.99 21.03 10.56
CA ALA B 313 19.73 22.28 10.49
C ALA B 313 19.11 23.22 9.46
N LEU B 314 18.74 22.67 8.31
CA LEU B 314 18.04 23.43 7.28
C LEU B 314 16.66 23.89 7.74
N GLN B 315 15.91 23.01 8.39
CA GLN B 315 14.61 23.38 8.95
C GLN B 315 14.73 24.58 9.87
N THR B 316 15.77 24.58 10.70
CA THR B 316 16.01 25.68 11.66
C THR B 316 16.27 26.99 10.92
N ALA B 317 17.10 26.93 9.90
CA ALA B 317 17.38 28.10 9.08
C ALA B 317 16.11 28.58 8.37
N ALA B 318 15.35 27.63 7.82
CA ALA B 318 14.10 27.97 7.16
C ALA B 318 13.14 28.63 8.15
N LEU B 319 13.01 28.04 9.32
CA LEU B 319 12.06 28.50 10.31
C LEU B 319 12.44 29.90 10.83
N ALA B 320 13.74 30.20 10.78
CA ALA B 320 14.27 31.48 11.23
C ALA B 320 13.92 32.61 10.25
N ARG B 321 13.29 32.26 9.13
CA ARG B 321 12.80 33.24 8.17
C ARG B 321 11.31 33.07 7.87
N GLY B 322 10.57 32.44 8.77
CA GLY B 322 9.13 32.31 8.63
C GLY B 322 8.69 31.21 7.66
N ASN B 323 9.66 30.39 7.24
CA ASN B 323 9.44 29.40 6.18
C ASN B 323 9.34 27.97 6.72
N HIS B 324 8.22 27.32 6.38
CA HIS B 324 7.92 25.96 6.83
C HIS B 324 7.87 24.93 5.70
N ASP B 325 8.40 25.27 4.54
CA ASP B 325 8.41 24.38 3.38
C ASP B 325 9.38 23.20 3.50
N PHE B 326 10.03 23.05 4.65
CA PHE B 326 11.02 21.99 4.82
C PHE B 326 10.66 21.20 6.07
N ALA B 327 9.52 21.53 6.66
CA ALA B 327 9.08 20.87 7.88
C ALA B 327 8.78 19.37 7.65
N ALA B 328 8.95 18.60 8.73
CA ALA B 328 8.57 17.20 8.75
C ALA B 328 7.13 17.12 9.21
N GLN B 329 6.22 16.95 8.27
CA GLN B 329 4.80 16.89 8.60
C GLN B 329 4.26 15.52 8.23
N TRP B 330 4.57 14.54 9.07
CA TRP B 330 4.21 13.15 8.77
C TRP B 330 2.70 12.92 8.90
N ALA B 331 2.16 12.14 7.97
CA ALA B 331 0.73 11.80 7.96
C ALA B 331 0.56 10.52 7.15
N GLY B 332 -0.43 9.72 7.53
CA GLY B 332 -0.73 8.47 6.86
C GLY B 332 -1.71 8.70 5.73
N GLN B 333 -1.93 7.68 4.91
CA GLN B 333 -2.78 7.81 3.73
C GLN B 333 -4.27 8.08 4.03
N GLY B 334 -4.69 7.91 5.28
CA GLY B 334 -6.04 8.29 5.69
C GLY B 334 -6.15 9.70 6.24
N ALA B 335 -5.14 10.53 5.98
CA ALA B 335 -5.04 11.91 6.51
C ALA B 335 -6.25 12.82 6.30
N ALA B 336 -6.92 12.66 5.16
CA ALA B 336 -8.08 13.49 4.83
C ALA B 336 -9.26 13.26 5.77
N LEU B 337 -9.17 12.20 6.57
CA LEU B 337 -10.21 11.89 7.56
C LEU B 337 -9.81 12.38 8.94
N ALA B 338 -8.74 13.19 9.01
CA ALA B 338 -8.26 13.72 10.28
C ALA B 338 -9.32 14.55 10.97
N ARG B 339 -9.48 14.35 12.27
CA ARG B 339 -10.36 15.18 13.11
C ARG B 339 -9.55 15.94 14.18
N GLU B 340 -10.13 17.03 14.70
CA GLU B 340 -9.49 17.80 15.77
C GLU B 340 -10.31 17.79 17.05
N LEU B 341 -9.93 16.93 17.99
CA LEU B 341 -10.61 16.81 19.27
C LEU B 341 -9.56 16.63 20.34
N PRO B 342 -9.91 16.92 21.60
CA PRO B 342 -9.05 16.50 22.70
C PRO B 342 -8.93 14.98 22.73
N ALA B 343 -7.70 14.49 22.86
CA ALA B 343 -7.41 13.05 22.77
C ALA B 343 -8.40 12.14 23.48
N ALA B 344 -8.81 12.49 24.69
CA ALA B 344 -9.73 11.62 25.42
C ALA B 344 -11.12 11.59 24.77
N GLU B 345 -11.52 12.72 24.19
CA GLU B 345 -12.79 12.77 23.48
C GLU B 345 -12.73 12.01 22.16
N LEU B 346 -11.57 12.06 21.51
CA LEU B 346 -11.36 11.30 20.29
C LEU B 346 -11.35 9.80 20.59
N LEU B 347 -10.60 9.41 21.63
CA LEU B 347 -10.55 8.02 22.05
C LEU B 347 -11.96 7.48 22.23
N ARG B 348 -12.80 8.25 22.91
CA ARG B 348 -14.14 7.79 23.21
C ARG B 348 -15.08 7.84 22.01
N THR B 349 -14.82 8.75 21.08
CA THR B 349 -15.60 8.77 19.84
C THR B 349 -15.30 7.49 19.07
N LEU B 350 -14.03 7.11 19.06
CA LEU B 350 -13.61 5.87 18.41
C LEU B 350 -14.27 4.64 19.05
N VAL B 351 -14.19 4.56 20.37
CA VAL B 351 -14.83 3.47 21.12
C VAL B 351 -16.31 3.36 20.76
N GLU B 352 -16.96 4.50 20.59
CA GLU B 352 -18.37 4.56 20.22
C GLU B 352 -18.61 4.10 18.78
N GLU B 353 -17.78 4.60 17.86
CA GLU B 353 -17.87 4.22 16.46
C GLU B 353 -17.52 2.74 16.31
N LEU B 354 -16.55 2.29 17.10
CA LEU B 354 -16.19 0.88 17.16
C LEU B 354 -17.41 0.04 17.56
N ARG B 355 -18.28 0.65 18.37
CA ARG B 355 -19.52 0.03 18.85
C ARG B 355 -19.27 -1.10 19.84
#